data_9LFL
#
_entry.id   9LFL
#
_cell.length_a   1.00
_cell.length_b   1.00
_cell.length_c   1.00
_cell.angle_alpha   90.00
_cell.angle_beta   90.00
_cell.angle_gamma   90.00
#
_symmetry.space_group_name_H-M   'P 1'
#
loop_
_entity.id
_entity.type
_entity.pdbx_description
1 polymer 'Tumor necrosis factor receptor superfamily member 1B'
2 polymer 'TR92 heavy chain'
3 polymer 'TR92 light chain'
4 polymer 'TR96 heavy chain'
5 polymer 'TR96 light chain'
#
loop_
_entity_poly.entity_id
_entity_poly.type
_entity_poly.pdbx_seq_one_letter_code
_entity_poly.pdbx_strand_id
1 'polypeptide(L)'
;TPYAPEPGSTCRLREYYDQTAQMCCSKCSPGQHAKVFCTKTSDTVCDSCEDSTYTQLWNWVPECLSCGSRCSSDQVETQA
CTREQNRICTCRPGWYCALSKQEGCRLCAPLRKCRPGFGVARPGTETSDVVCKPCAPGTFSNTTSSTDICRP
;
A
2 'polypeptide(L)'
;KVQLQQSGAELVKPGASVKLSCKASGYTFTESIIHWVKQRSGQGLEWIGWFYPGSDNINYNEKFKDKATLTADKSSSTVY
MELTRLTSEDSAVYFCASHEGPYVYFDYWGQGTTLTVSSASTKGPSVFPLAPSSKSTSGGTAALGCLVKDYFPEPVTVSW
NSGALTSGVHTFPAVLQSSGLYSLSSVVTVPSSSLGTQTYICNVNHKPSNTKVDKKVEPKS
;
B
3 'polypeptide(L)'
;IVMTQSHKFMSTSVGDRVSITCKASQDVSTAVAWYQQKPGQSPKLLIYWTSTRHTGVPDRFTGSGSGTDYTLTISSVQAE
DLALYYCQHHYSTPYTFGGGTKLEIQRTVAAPSVFIFPPSDEQLKSGTASVVCLLNNFYPREAKVQWKVDNALQSGNSQE
SVTEQDSKDSTYSLSSTLTLSKADYEKHKVYACEVTHQGLSSPVTKSFNRG
;
C
4 'polypeptide(L)'
;EVQLQQSGAELVKPGASVKLSCTPSGFNIKDTYMHWVKQRPEQGLEWIGRIDPANGYTEYDPKFQDKATITADTSSNTAY
LQLSSLTSEDTAVYYCADTQLYYWGQGTTLTVSSASVAAPSVFIFPPSDEQLKSGTASVVCLLNNFYPREAKVQWKVDNA
LQSGNSQESVTEQDSKDSTYSLSSTLTLSKADYEKHKVYACEVTHQGLSSPVTKSFNRG
;
D
5 'polypeptide(L)'
;QIVLTQSPAIMSASLGERVTMTCTASSSVSSTYLHWYQQKPGSSPKLWIYSTSNLASGVPARFSGSGSGTSYSLTISNME
AEDAATYYCHQYHRSPLTFGAGTKLELKSSASTKGPSVFPLAPSSKSTSGGTAALGCLVKDYFPEPVTVSWNSGALTSGV
HTFPAVLQSSGLYSLSSVVTVPSSSLGTQTYICNVNHKPSNTKVDKKVEP
;
E
#
# COMPACT_ATOMS: atom_id res chain seq x y z
N THR A 1 41.89 29.43 10.31
CA THR A 1 42.89 30.27 10.96
C THR A 1 42.40 30.74 12.32
N PRO A 2 43.30 30.73 13.32
CA PRO A 2 42.91 31.16 14.67
C PRO A 2 42.65 32.65 14.76
N TYR A 3 41.54 33.11 14.19
CA TYR A 3 41.15 34.50 14.29
C TYR A 3 40.61 34.81 15.69
N ALA A 4 41.15 35.85 16.32
CA ALA A 4 40.77 36.14 17.69
C ALA A 4 39.42 36.86 17.74
N PRO A 5 38.55 36.47 18.67
CA PRO A 5 37.31 37.22 18.88
C PRO A 5 37.55 38.43 19.78
N GLU A 6 36.66 39.41 19.71
CA GLU A 6 36.75 40.63 20.50
C GLU A 6 35.42 40.88 21.17
N PRO A 7 35.40 41.60 22.29
CA PRO A 7 34.16 41.80 23.04
C PRO A 7 33.08 42.44 22.17
N GLY A 8 31.85 41.91 22.30
CA GLY A 8 30.73 42.40 21.52
C GLY A 8 30.77 41.97 20.07
N SER A 9 31.50 40.90 19.78
CA SER A 9 31.61 40.36 18.43
C SER A 9 31.31 38.86 18.46
N THR A 10 30.49 38.40 17.53
CA THR A 10 30.16 36.99 17.41
C THR A 10 31.05 36.32 16.39
N CYS A 11 31.62 35.18 16.78
CA CYS A 11 32.42 34.36 15.87
C CYS A 11 31.54 33.84 14.75
N ARG A 12 32.06 33.90 13.53
CA ARG A 12 31.28 33.54 12.35
C ARG A 12 30.94 32.04 12.37
N LEU A 13 30.10 31.64 11.42
CA LEU A 13 29.66 30.25 11.31
C LEU A 13 30.84 29.34 11.04
N ARG A 14 30.69 28.05 11.32
CA ARG A 14 31.75 27.05 11.19
C ARG A 14 32.92 27.35 12.15
N GLU A 15 32.65 28.09 13.21
CA GLU A 15 33.62 28.42 14.25
C GLU A 15 32.88 28.57 15.57
N TYR A 16 33.41 27.98 16.65
CA TYR A 16 32.53 27.94 17.81
C TYR A 16 32.96 28.78 19.01
N TYR A 17 33.87 28.30 19.87
CA TYR A 17 34.41 29.19 20.90
C TYR A 17 35.72 28.71 21.55
N ASP A 18 36.42 27.75 20.95
CA ASP A 18 37.20 26.75 21.71
C ASP A 18 37.86 27.33 22.96
N GLN A 19 37.53 26.74 24.11
CA GLN A 19 37.89 27.28 25.42
C GLN A 19 39.28 26.86 25.89
N THR A 20 39.93 25.94 25.18
CA THR A 20 41.31 25.60 25.48
C THR A 20 42.28 26.72 25.14
N ALA A 21 41.99 27.51 24.11
CA ALA A 21 42.74 28.72 23.83
C ALA A 21 41.89 29.98 23.88
N GLN A 22 40.59 29.87 24.17
CA GLN A 22 39.67 31.01 24.20
C GLN A 22 39.68 31.76 22.87
N MET A 23 39.67 31.01 21.77
CA MET A 23 39.72 31.58 20.43
C MET A 23 38.95 30.67 19.48
N CYS A 24 38.03 31.26 18.71
CA CYS A 24 37.25 30.50 17.75
C CYS A 24 38.08 30.13 16.54
N CYS A 25 37.96 28.88 16.08
CA CYS A 25 38.62 28.42 14.87
C CYS A 25 37.60 27.73 13.98
N SER A 26 38.05 27.38 12.78
CA SER A 26 37.17 26.73 11.81
C SER A 26 36.68 25.39 12.33
N LYS A 27 35.45 25.05 11.93
CA LYS A 27 34.81 23.78 12.28
C LYS A 27 34.96 22.83 11.11
N CYS A 28 35.40 21.61 11.38
CA CYS A 28 35.49 20.60 10.35
C CYS A 28 34.09 20.25 9.84
N SER A 29 34.01 19.99 8.54
CA SER A 29 32.77 19.67 7.86
C SER A 29 32.27 18.31 8.31
N PRO A 30 30.96 18.03 8.15
CA PRO A 30 30.44 16.71 8.54
C PRO A 30 31.19 15.57 7.85
N GLY A 31 31.67 14.62 8.63
CA GLY A 31 32.49 13.55 8.09
C GLY A 31 33.86 13.49 8.73
N GLN A 32 33.98 13.86 10.00
CA GLN A 32 35.26 14.13 10.63
C GLN A 32 35.16 13.90 12.13
N HIS A 33 36.24 13.41 12.75
CA HIS A 33 36.33 13.39 14.22
C HIS A 33 37.48 14.29 14.65
N ALA A 34 37.14 15.40 15.29
CA ALA A 34 38.19 16.27 15.81
C ALA A 34 39.07 15.50 16.78
N LYS A 35 40.30 15.22 16.38
CA LYS A 35 41.24 14.48 17.22
C LYS A 35 42.22 15.41 17.93
N VAL A 36 42.49 16.58 17.37
CA VAL A 36 43.24 17.61 18.07
C VAL A 36 42.38 18.86 18.11
N PHE A 37 42.14 19.39 19.31
CA PHE A 37 41.32 20.58 19.45
C PHE A 37 42.17 21.83 19.25
N CYS A 38 41.52 22.98 19.30
CA CYS A 38 42.21 24.23 18.97
C CYS A 38 43.18 24.64 20.06
N THR A 39 44.33 25.16 19.62
CA THR A 39 45.29 25.81 20.51
C THR A 39 45.43 27.24 19.99
N LYS A 40 46.36 28.02 20.53
CA LYS A 40 46.55 29.38 20.06
C LYS A 40 46.98 29.45 18.60
N THR A 41 47.63 28.40 18.09
CA THR A 41 48.14 28.40 16.72
C THR A 41 47.51 27.31 15.87
N SER A 42 47.37 26.10 16.42
CA SER A 42 46.92 24.96 15.62
C SER A 42 45.40 24.94 15.45
N ASP A 43 44.94 25.05 14.21
CA ASP A 43 43.53 24.93 13.90
C ASP A 43 43.09 23.47 13.98
N THR A 44 41.77 23.27 14.00
CA THR A 44 41.21 21.92 14.01
C THR A 44 41.62 21.15 12.77
N VAL A 45 42.27 20.01 12.98
CA VAL A 45 42.82 19.21 11.89
C VAL A 45 41.75 18.19 11.52
N CYS A 46 41.21 18.33 10.31
CA CYS A 46 40.18 17.43 9.84
C CYS A 46 40.75 16.06 9.49
N ASP A 47 39.95 15.02 9.74
CA ASP A 47 40.30 13.64 9.44
C ASP A 47 39.02 12.81 9.45
N SER A 48 38.82 12.02 8.40
CA SER A 48 37.57 11.29 8.23
C SER A 48 37.42 10.19 9.27
N CYS A 49 36.16 9.86 9.58
CA CYS A 49 35.87 8.81 10.54
C CYS A 49 36.11 7.43 9.92
N GLU A 50 35.81 6.38 10.69
CA GLU A 50 35.91 5.02 10.20
C GLU A 50 34.63 4.62 9.48
N ASP A 51 34.47 3.34 9.18
CA ASP A 51 33.29 2.84 8.50
C ASP A 51 32.20 2.54 9.52
N SER A 52 30.95 2.59 9.04
CA SER A 52 29.76 2.39 9.87
C SER A 52 29.69 3.43 10.99
N THR A 53 30.40 4.54 10.83
CA THR A 53 30.41 5.62 11.81
C THR A 53 30.49 6.95 11.06
N TYR A 54 29.80 7.97 11.60
CA TYR A 54 29.70 9.21 10.84
C TYR A 54 29.48 10.42 11.74
N THR A 55 29.16 11.55 11.12
CA THR A 55 28.52 12.68 11.78
C THR A 55 27.74 13.49 10.75
N GLN A 56 26.47 13.75 11.03
CA GLN A 56 25.58 14.38 10.05
C GLN A 56 25.60 15.90 10.12
N LEU A 57 26.40 16.47 11.02
CA LEU A 57 26.46 17.92 11.20
C LEU A 57 27.90 18.32 11.42
N TRP A 58 28.26 19.52 10.96
CA TRP A 58 29.60 20.04 11.11
C TRP A 58 30.03 20.01 12.57
N ASN A 59 30.99 19.14 12.89
CA ASN A 59 31.19 18.67 14.24
C ASN A 59 32.57 19.03 14.76
N TRP A 60 32.79 18.83 16.06
CA TRP A 60 34.11 18.90 16.66
C TRP A 60 34.25 17.78 17.69
N VAL A 61 33.32 16.84 17.69
CA VAL A 61 33.33 15.72 18.63
C VAL A 61 34.46 14.78 18.25
N PRO A 62 35.13 14.14 19.22
CA PRO A 62 36.23 13.23 18.88
C PRO A 62 35.75 11.82 18.60
N GLU A 63 34.43 11.62 18.57
CA GLU A 63 33.87 10.29 18.40
C GLU A 63 32.68 10.39 17.45
N CYS A 64 32.57 9.41 16.56
CA CYS A 64 31.55 9.44 15.51
C CYS A 64 30.39 8.51 15.87
N LEU A 65 29.26 8.70 15.18
CA LEU A 65 28.05 7.97 15.50
C LEU A 65 28.12 6.52 15.02
N SER A 66 27.00 5.80 14.99
CA SER A 66 27.02 4.40 14.63
C SER A 66 25.71 4.01 13.93
N CYS A 67 25.85 3.39 12.77
CA CYS A 67 24.69 2.88 12.04
C CYS A 67 24.50 1.38 12.27
N GLY A 68 23.45 0.81 11.69
CA GLY A 68 23.12 -0.58 11.86
C GLY A 68 23.99 -1.50 11.01
N SER A 69 23.88 -2.79 11.31
CA SER A 69 24.67 -3.81 10.64
C SER A 69 23.90 -4.50 9.53
N ARG A 70 22.73 -5.03 9.84
CA ARG A 70 21.90 -5.71 8.86
C ARG A 70 20.45 -5.56 9.31
N CYS A 71 19.52 -5.70 8.39
CA CYS A 71 18.12 -5.58 8.72
C CYS A 71 17.47 -6.95 8.91
N SER A 72 17.82 -7.93 8.08
CA SER A 72 17.34 -9.30 8.20
C SER A 72 18.02 -10.20 7.16
N SER A 73 17.67 -11.48 7.15
CA SER A 73 17.97 -12.31 5.99
C SER A 73 17.26 -11.77 4.75
N ASP A 74 16.24 -10.97 4.96
CA ASP A 74 15.50 -10.19 3.98
C ASP A 74 15.70 -8.72 4.34
N GLN A 75 14.87 -7.85 3.77
CA GLN A 75 14.92 -6.42 4.09
C GLN A 75 16.23 -5.80 3.63
N VAL A 76 16.46 -5.81 2.32
CA VAL A 76 17.67 -5.27 1.70
C VAL A 76 17.75 -3.78 1.99
N GLU A 77 18.93 -3.19 1.75
CA GLU A 77 19.12 -1.76 1.94
C GLU A 77 18.64 -0.96 0.74
N THR A 78 17.73 -0.02 0.98
CA THR A 78 17.35 0.99 0.00
C THR A 78 18.18 2.27 0.15
N GLN A 79 19.13 2.27 1.09
CA GLN A 79 19.99 3.42 1.31
C GLN A 79 21.20 2.92 2.09
N ALA A 80 22.38 3.06 1.50
CA ALA A 80 23.61 2.55 2.11
C ALA A 80 23.95 3.32 3.38
N CYS A 81 24.92 2.81 4.15
CA CYS A 81 25.37 3.47 5.37
C CYS A 81 26.79 3.97 5.10
N THR A 82 26.87 5.17 4.54
CA THR A 82 28.13 5.83 4.27
C THR A 82 28.49 6.83 5.35
N ARG A 83 29.45 7.70 5.04
CA ARG A 83 30.02 8.62 6.01
C ARG A 83 29.13 9.81 6.31
N GLU A 84 28.03 9.97 5.56
CA GLU A 84 27.13 11.12 5.72
C GLU A 84 25.68 10.64 5.75
N GLN A 85 25.45 9.44 6.28
CA GLN A 85 24.10 8.89 6.32
C GLN A 85 24.02 7.64 7.18
N ASN A 86 22.82 7.06 7.30
CA ASN A 86 22.58 5.89 8.12
C ASN A 86 21.97 4.80 7.24
N ARG A 87 22.11 3.54 7.69
CA ARG A 87 21.65 2.37 6.93
C ARG A 87 20.13 2.30 6.99
N ILE A 88 19.50 3.11 6.13
CA ILE A 88 18.04 3.15 6.04
C ILE A 88 17.57 1.81 5.48
N CYS A 89 16.91 1.01 6.31
CA CYS A 89 16.42 -0.28 5.86
C CYS A 89 15.15 -0.11 5.03
N THR A 90 14.63 -1.22 4.50
CA THR A 90 13.27 -1.27 3.98
C THR A 90 12.68 -2.60 4.40
N CYS A 91 11.40 -2.84 4.12
CA CYS A 91 10.74 -4.07 4.53
C CYS A 91 10.72 -5.11 3.41
N ARG A 92 11.91 -5.53 2.96
CA ARG A 92 12.14 -6.56 1.95
C ARG A 92 11.67 -6.11 0.57
N PRO A 93 12.29 -6.60 -0.50
CA PRO A 93 11.79 -6.30 -1.84
C PRO A 93 10.42 -6.92 -2.06
N GLY A 94 9.58 -6.18 -2.76
CA GLY A 94 8.23 -6.63 -3.07
C GLY A 94 7.36 -6.83 -1.85
N TRP A 95 7.42 -5.90 -0.91
CA TRP A 95 6.54 -5.85 0.25
C TRP A 95 6.38 -4.37 0.62
N TYR A 96 5.15 -3.95 0.91
CA TYR A 96 4.98 -2.54 1.26
C TYR A 96 4.98 -2.40 2.78
N CYS A 97 5.58 -1.31 3.24
CA CYS A 97 5.63 -0.97 4.65
C CYS A 97 4.52 0.01 4.97
N ALA A 98 3.53 -0.45 5.74
CA ALA A 98 2.37 0.35 6.09
C ALA A 98 2.52 1.08 7.42
N LEU A 99 3.24 0.53 8.37
CA LEU A 99 3.53 1.19 9.63
C LEU A 99 4.73 2.11 9.46
N SER A 100 5.21 2.72 10.55
CA SER A 100 6.40 3.56 10.46
C SER A 100 7.21 3.50 11.74
N LYS A 101 8.49 3.82 11.64
CA LYS A 101 9.40 3.86 12.78
C LYS A 101 10.56 4.74 12.36
N GLN A 102 11.65 4.79 13.13
CA GLN A 102 12.77 5.64 12.75
C GLN A 102 13.37 5.21 11.41
N GLU A 103 13.64 3.92 11.23
CA GLU A 103 13.79 3.39 9.88
C GLU A 103 12.92 2.17 9.64
N GLY A 104 12.84 1.30 10.64
CA GLY A 104 12.20 0.01 10.43
C GLY A 104 10.80 -0.04 11.00
N CYS A 105 9.80 0.13 10.13
CA CYS A 105 8.42 0.06 10.55
C CYS A 105 8.11 -1.31 11.11
N ARG A 106 7.54 -1.33 12.32
CA ARG A 106 7.32 -2.56 13.06
C ARG A 106 6.53 -3.58 12.24
N LEU A 107 5.64 -3.11 11.38
CA LEU A 107 4.86 -3.99 10.50
C LEU A 107 5.13 -3.62 9.05
N CYS A 108 5.52 -4.61 8.26
CA CYS A 108 5.46 -4.49 6.81
C CYS A 108 4.22 -5.22 6.31
N ALA A 109 4.08 -5.39 5.00
CA ALA A 109 2.94 -6.09 4.44
C ALA A 109 3.27 -6.59 3.04
N PRO A 110 2.58 -7.63 2.54
CA PRO A 110 2.87 -8.14 1.19
C PRO A 110 2.65 -7.07 0.14
N LEU A 111 3.49 -7.03 -0.91
CA LEU A 111 3.45 -5.94 -1.88
C LEU A 111 2.02 -5.66 -2.32
N ARG A 112 1.41 -6.65 -2.97
CA ARG A 112 -0.03 -6.92 -2.96
C ARG A 112 -0.30 -8.12 -3.84
N LYS A 113 -1.45 -8.77 -3.65
CA LYS A 113 -1.93 -9.74 -4.61
C LYS A 113 -3.38 -9.41 -4.96
N CYS A 114 -3.55 -8.52 -5.93
CA CYS A 114 -4.86 -8.15 -6.44
C CYS A 114 -5.03 -8.67 -7.86
N ARG A 115 -6.24 -9.16 -8.13
CA ARG A 115 -6.52 -10.05 -9.25
C ARG A 115 -6.51 -9.30 -10.58
N PRO A 116 -6.46 -10.02 -11.69
CA PRO A 116 -6.63 -9.38 -13.00
C PRO A 116 -7.88 -8.51 -13.03
N GLY A 117 -7.68 -7.21 -13.16
CA GLY A 117 -8.75 -6.27 -12.93
C GLY A 117 -8.42 -5.37 -11.77
N PHE A 118 -7.14 -5.12 -11.57
CA PHE A 118 -6.67 -4.14 -10.58
C PHE A 118 -5.40 -3.48 -11.08
N GLY A 119 -5.33 -2.16 -10.94
CA GLY A 119 -4.17 -1.40 -11.36
C GLY A 119 -3.43 -0.76 -10.21
N VAL A 120 -2.19 -1.16 -10.00
CA VAL A 120 -1.41 -0.70 -8.84
C VAL A 120 -0.87 0.70 -9.11
N ALA A 121 -1.42 1.69 -8.42
CA ALA A 121 -1.02 3.09 -8.62
C ALA A 121 0.49 3.28 -8.56
N ARG A 122 1.09 2.99 -7.41
CA ARG A 122 2.52 3.16 -7.23
C ARG A 122 2.91 2.49 -5.92
N PRO A 123 4.09 1.87 -5.84
CA PRO A 123 4.43 1.08 -4.65
C PRO A 123 4.57 1.91 -3.39
N GLY A 124 5.34 3.00 -3.46
CA GLY A 124 5.67 3.75 -2.28
C GLY A 124 6.34 2.84 -1.27
N THR A 125 7.24 2.00 -1.77
CA THR A 125 7.79 0.88 -1.00
C THR A 125 8.40 1.32 0.31
N GLU A 126 8.90 2.56 0.36
CA GLU A 126 9.50 3.07 1.60
C GLU A 126 8.46 3.27 2.70
N THR A 127 7.36 3.96 2.42
CA THR A 127 6.35 4.22 3.46
C THR A 127 4.91 4.17 2.96
N SER A 128 4.60 3.36 1.96
CA SER A 128 3.26 3.34 1.42
C SER A 128 3.00 2.01 0.71
N ASP A 129 1.74 1.84 0.27
CA ASP A 129 1.28 0.62 -0.37
C ASP A 129 1.05 0.86 -1.85
N VAL A 130 1.00 -0.24 -2.60
CA VAL A 130 0.85 -0.14 -4.05
C VAL A 130 -0.56 0.31 -4.43
N VAL A 131 -1.56 -0.05 -3.61
CA VAL A 131 -2.98 0.14 -3.90
C VAL A 131 -3.38 -0.67 -5.13
N CYS A 132 -4.67 -0.96 -5.28
CA CYS A 132 -5.18 -1.67 -6.45
C CYS A 132 -6.56 -1.18 -6.87
N LYS A 133 -6.64 -0.45 -7.99
CA LYS A 133 -7.90 0.06 -8.49
C LYS A 133 -8.22 -0.54 -9.86
N PRO A 134 -9.50 -0.49 -10.31
CA PRO A 134 -9.99 -1.51 -11.26
C PRO A 134 -9.18 -1.69 -12.53
N CYS A 135 -9.11 -0.69 -13.42
CA CYS A 135 -8.47 -0.86 -14.72
C CYS A 135 -8.74 -2.25 -15.31
N ALA A 136 -10.01 -2.66 -15.34
CA ALA A 136 -10.34 -4.08 -15.39
C ALA A 136 -9.79 -4.77 -16.64
N PRO A 137 -10.20 -4.43 -17.87
CA PRO A 137 -9.34 -4.75 -19.02
C PRO A 137 -8.05 -3.95 -19.04
N GLY A 138 -8.17 -2.64 -18.85
CA GLY A 138 -7.07 -1.75 -19.14
C GLY A 138 -6.63 -1.92 -20.58
N THR A 139 -5.33 -2.04 -20.81
CA THR A 139 -4.89 -2.46 -22.14
C THR A 139 -4.98 -3.98 -22.24
N PHE A 140 -4.18 -4.67 -21.44
CA PHE A 140 -4.25 -6.13 -21.27
C PHE A 140 -3.98 -6.42 -19.81
N SER A 141 -4.96 -7.00 -19.10
CA SER A 141 -4.83 -7.31 -17.68
C SER A 141 -5.45 -8.69 -17.41
N ASN A 142 -4.59 -9.71 -17.38
CA ASN A 142 -5.00 -11.08 -17.06
C ASN A 142 -4.00 -11.79 -16.16
N THR A 143 -3.29 -11.03 -15.34
CA THR A 143 -2.29 -11.58 -14.42
C THR A 143 -2.63 -11.17 -13.00
N THR A 144 -2.44 -12.11 -12.06
CA THR A 144 -2.79 -11.92 -10.67
C THR A 144 -1.60 -11.43 -9.82
N SER A 145 -0.43 -11.28 -10.42
CA SER A 145 0.80 -10.96 -9.70
C SER A 145 0.67 -9.69 -8.86
N SER A 146 0.06 -8.65 -9.43
CA SER A 146 -0.20 -7.39 -8.74
C SER A 146 1.08 -6.62 -8.45
N THR A 147 2.24 -7.20 -8.78
CA THR A 147 3.48 -6.46 -8.70
C THR A 147 3.60 -5.47 -9.84
N ASP A 148 2.83 -5.66 -10.91
CA ASP A 148 2.90 -4.84 -12.10
C ASP A 148 1.60 -4.07 -12.29
N ILE A 149 1.71 -2.92 -12.94
CA ILE A 149 0.57 -2.08 -13.33
C ILE A 149 -0.23 -2.77 -14.43
N CYS A 150 -1.29 -2.10 -14.86
CA CYS A 150 -2.31 -2.64 -15.77
C CYS A 150 -1.76 -3.30 -17.03
N ARG A 151 -0.46 -3.14 -17.30
CA ARG A 151 0.18 -3.68 -18.50
C ARG A 151 -0.11 -5.16 -18.70
N PRO A 152 0.01 -5.68 -19.93
CA PRO A 152 -0.01 -7.13 -20.17
C PRO A 152 1.11 -7.86 -19.43
N LYS B 1 14.53 -6.95 24.55
CA LYS B 1 13.97 -7.63 25.72
C LYS B 1 12.58 -7.11 26.04
N VAL B 2 11.56 -7.65 25.38
CA VAL B 2 10.19 -7.21 25.63
C VAL B 2 9.62 -8.04 26.77
N GLN B 3 9.90 -7.64 28.01
CA GLN B 3 9.35 -8.36 29.15
C GLN B 3 7.88 -8.01 29.32
N LEU B 4 7.03 -9.03 29.42
CA LEU B 4 5.59 -8.85 29.51
C LEU B 4 5.09 -9.63 30.71
N GLN B 5 4.51 -8.91 31.68
CA GLN B 5 3.89 -9.50 32.84
C GLN B 5 2.48 -8.95 32.98
N GLN B 6 1.56 -9.78 33.46
CA GLN B 6 0.14 -9.46 33.45
C GLN B 6 -0.47 -9.67 34.84
N SER B 7 -1.58 -8.98 35.07
CA SER B 7 -2.29 -9.05 36.35
C SER B 7 -3.05 -10.38 36.46
N GLY B 8 -3.50 -10.67 37.68
CA GLY B 8 -4.18 -11.91 37.97
C GLY B 8 -5.65 -11.89 37.62
N ALA B 9 -6.42 -12.76 38.28
CA ALA B 9 -7.83 -12.88 37.99
C ALA B 9 -8.63 -11.77 38.68
N GLU B 10 -9.68 -11.32 37.99
CA GLU B 10 -10.56 -10.28 38.50
C GLU B 10 -11.99 -10.74 38.37
N LEU B 11 -12.83 -10.36 39.34
CA LEU B 11 -14.24 -10.71 39.35
C LEU B 11 -15.07 -9.48 39.67
N VAL B 12 -16.07 -9.21 38.84
CA VAL B 12 -16.93 -8.04 39.00
C VAL B 12 -18.32 -8.38 38.48
N LYS B 13 -19.33 -7.82 39.15
CA LYS B 13 -20.71 -7.90 38.69
C LYS B 13 -20.80 -7.67 37.19
N PRO B 14 -21.53 -8.50 36.45
CA PRO B 14 -21.71 -8.26 35.02
C PRO B 14 -22.32 -6.89 34.74
N GLY B 15 -21.85 -6.25 33.68
CA GLY B 15 -22.33 -4.94 33.31
C GLY B 15 -21.25 -3.88 33.43
N ALA B 16 -20.48 -3.94 34.51
CA ALA B 16 -19.33 -3.06 34.66
C ALA B 16 -18.19 -3.52 33.75
N SER B 17 -17.26 -2.61 33.49
CA SER B 17 -16.12 -2.90 32.64
C SER B 17 -14.84 -2.46 33.33
N VAL B 18 -13.84 -3.33 33.36
CA VAL B 18 -12.57 -3.03 34.00
C VAL B 18 -11.54 -2.69 32.92
N LYS B 19 -10.55 -1.90 33.29
CA LYS B 19 -9.46 -1.53 32.40
C LYS B 19 -8.18 -2.21 32.86
N LEU B 20 -7.60 -3.04 32.00
CA LEU B 20 -6.43 -3.84 32.35
C LEU B 20 -5.15 -2.99 32.29
N SER B 21 -4.06 -3.58 32.78
CA SER B 21 -2.75 -2.95 32.77
C SER B 21 -1.68 -4.03 32.51
N CYS B 22 -1.30 -4.19 31.24
CA CYS B 22 -0.24 -5.11 30.84
C CYS B 22 1.09 -4.39 30.96
N LYS B 23 1.61 -4.35 32.18
CA LYS B 23 2.87 -3.65 32.43
C LYS B 23 4.02 -4.36 31.72
N ALA B 24 4.90 -3.57 31.13
CA ALA B 24 6.03 -4.11 30.38
C ALA B 24 7.28 -3.31 30.73
N SER B 25 8.43 -3.95 30.56
CA SER B 25 9.71 -3.35 30.89
C SER B 25 10.80 -4.04 30.09
N GLY B 26 12.03 -3.54 30.26
CA GLY B 26 13.19 -4.10 29.60
C GLY B 26 13.41 -3.67 28.18
N TYR B 27 12.57 -2.79 27.64
CA TYR B 27 12.72 -2.32 26.27
C TYR B 27 11.95 -1.02 26.15
N THR B 28 12.46 -0.13 25.29
CA THR B 28 11.82 1.17 25.09
C THR B 28 10.37 0.97 24.65
N PHE B 29 9.47 1.73 25.27
CA PHE B 29 8.04 1.45 25.16
C PHE B 29 7.57 1.74 23.74
N THR B 30 8.00 2.87 23.18
CA THR B 30 7.56 3.28 21.85
C THR B 30 8.10 2.35 20.76
N GLU B 31 9.36 1.93 20.86
CA GLU B 31 9.96 1.12 19.81
C GLU B 31 9.33 -0.26 19.71
N SER B 32 8.54 -0.68 20.69
CA SER B 32 7.79 -1.92 20.65
C SER B 32 6.31 -1.59 20.59
N ILE B 33 5.51 -2.51 20.06
CA ILE B 33 4.06 -2.37 20.03
C ILE B 33 3.47 -3.61 20.69
N ILE B 34 2.48 -3.40 21.56
CA ILE B 34 1.88 -4.47 22.35
C ILE B 34 0.50 -4.72 21.77
N HIS B 35 0.24 -5.96 21.36
CA HIS B 35 -1.08 -6.32 20.89
C HIS B 35 -1.94 -6.81 22.05
N TRP B 36 -3.09 -7.38 21.70
CA TRP B 36 -4.00 -7.96 22.68
C TRP B 36 -4.60 -9.24 22.12
N VAL B 37 -4.16 -10.38 22.68
CA VAL B 37 -4.68 -11.69 22.30
C VAL B 37 -5.01 -12.45 23.58
N LYS B 38 -6.28 -12.83 23.73
CA LYS B 38 -6.69 -13.51 24.95
C LYS B 38 -6.70 -15.02 24.75
N GLN B 39 -6.49 -15.74 25.85
CA GLN B 39 -6.35 -17.20 25.83
C GLN B 39 -7.41 -17.87 26.71
N ARG B 40 -8.68 -17.54 26.49
CA ARG B 40 -9.79 -18.24 27.12
C ARG B 40 -9.53 -19.75 27.12
N SER B 41 -9.52 -20.36 28.30
CA SER B 41 -9.19 -21.77 28.42
C SER B 41 -10.18 -22.62 27.62
N GLY B 42 -9.63 -23.54 26.83
CA GLY B 42 -10.42 -24.29 25.87
C GLY B 42 -10.64 -23.59 24.55
N GLN B 43 -10.27 -22.32 24.45
CA GLN B 43 -10.38 -21.57 23.21
C GLN B 43 -8.99 -21.12 22.78
N GLY B 44 -8.69 -21.25 21.49
CA GLY B 44 -7.41 -20.82 20.98
C GLY B 44 -7.20 -19.33 21.14
N LEU B 45 -5.96 -18.87 21.02
CA LEU B 45 -5.68 -17.44 21.10
C LEU B 45 -6.49 -16.69 20.06
N GLU B 46 -7.25 -15.70 20.48
CA GLU B 46 -8.00 -14.83 19.58
C GLU B 46 -7.58 -13.39 19.83
N TRP B 47 -7.26 -12.67 18.75
CA TRP B 47 -6.57 -11.39 18.81
C TRP B 47 -7.60 -10.27 18.94
N ILE B 48 -7.56 -9.55 20.07
CA ILE B 48 -8.54 -8.51 20.33
C ILE B 48 -8.24 -7.24 19.54
N GLY B 49 -6.99 -6.95 19.26
CA GLY B 49 -6.62 -5.75 18.55
C GLY B 49 -5.21 -5.33 18.93
N TRP B 50 -4.69 -4.38 18.17
CA TRP B 50 -3.33 -3.91 18.37
C TRP B 50 -3.31 -2.39 18.42
N PHE B 51 -2.36 -1.86 19.20
CA PHE B 51 -2.25 -0.43 19.46
C PHE B 51 -0.79 -0.02 19.29
N TYR B 52 -0.58 1.11 18.61
CA TYR B 52 0.75 1.67 18.42
C TYR B 52 1.11 2.56 19.60
N PRO B 53 2.17 2.22 20.34
CA PRO B 53 2.64 3.14 21.39
C PRO B 53 3.20 4.44 20.85
N GLY B 54 4.18 4.36 19.94
CA GLY B 54 4.89 5.57 19.52
C GLY B 54 4.01 6.54 18.76
N SER B 55 3.37 6.07 17.69
CA SER B 55 2.59 6.96 16.84
C SER B 55 1.13 7.03 17.24
N ASP B 56 0.74 6.33 18.30
CA ASP B 56 -0.62 6.25 18.84
C ASP B 56 -1.61 5.71 17.80
N ASN B 57 -1.16 5.06 16.74
CA ASN B 57 -2.07 4.43 15.80
C ASN B 57 -2.78 3.27 16.49
N ILE B 58 -4.02 3.01 16.06
CA ILE B 58 -4.81 1.93 16.63
C ILE B 58 -5.55 1.22 15.51
N ASN B 59 -5.64 -0.11 15.62
CA ASN B 59 -6.49 -0.90 14.76
C ASN B 59 -7.13 -1.99 15.61
N TYR B 60 -8.32 -1.68 16.13
CA TYR B 60 -9.12 -2.66 16.84
C TYR B 60 -9.54 -3.77 15.89
N ASN B 61 -9.41 -5.02 16.33
CA ASN B 61 -9.84 -6.15 15.53
C ASN B 61 -11.33 -6.06 15.26
N GLU B 62 -11.74 -6.43 14.05
CA GLU B 62 -13.12 -6.26 13.62
C GLU B 62 -14.10 -6.94 14.56
N LYS B 63 -13.70 -8.05 15.18
CA LYS B 63 -14.54 -8.68 16.18
C LYS B 63 -14.73 -7.79 17.39
N PHE B 64 -13.66 -7.11 17.80
CA PHE B 64 -13.68 -6.21 18.95
C PHE B 64 -13.51 -4.74 18.57
N LYS B 65 -13.88 -4.36 17.34
CA LYS B 65 -13.59 -3.03 16.81
C LYS B 65 -14.18 -1.90 17.66
N ASP B 66 -15.37 -2.12 18.22
CA ASP B 66 -16.03 -1.06 18.98
C ASP B 66 -16.00 -1.36 20.48
N LYS B 67 -16.34 -2.60 20.85
CA LYS B 67 -16.53 -2.93 22.25
C LYS B 67 -15.21 -2.92 23.03
N ALA B 68 -14.10 -3.27 22.38
CA ALA B 68 -12.81 -3.18 23.05
C ALA B 68 -12.40 -1.72 23.20
N THR B 69 -11.42 -1.48 24.08
CA THR B 69 -10.86 -0.14 24.31
C THR B 69 -9.36 -0.27 24.51
N LEU B 70 -8.60 -0.14 23.42
CA LEU B 70 -7.15 -0.26 23.49
C LEU B 70 -6.48 1.06 23.86
N THR B 71 -6.69 1.53 25.08
CA THR B 71 -5.99 2.71 25.56
C THR B 71 -4.61 2.32 26.12
N ALA B 72 -3.85 3.32 26.53
CA ALA B 72 -2.53 3.08 27.10
C ALA B 72 -2.04 4.33 27.80
N ASP B 73 -1.05 4.16 28.67
CA ASP B 73 -0.40 5.25 29.37
C ASP B 73 1.07 5.27 28.95
N LYS B 74 1.55 6.43 28.53
CA LYS B 74 2.90 6.53 27.98
C LYS B 74 3.96 6.37 29.08
N SER B 75 3.76 7.05 30.22
CA SER B 75 4.79 7.04 31.26
C SER B 75 4.99 5.65 31.86
N SER B 76 3.90 4.92 32.10
CA SER B 76 3.98 3.64 32.79
C SER B 76 4.39 2.50 31.88
N SER B 77 4.52 2.73 30.59
CA SER B 77 4.87 1.69 29.62
C SER B 77 3.90 0.52 29.71
N THR B 78 2.62 0.84 29.58
CA THR B 78 1.56 -0.13 29.80
C THR B 78 0.37 0.18 28.89
N VAL B 79 -0.14 -0.86 28.24
CA VAL B 79 -1.36 -0.75 27.43
C VAL B 79 -2.56 -1.06 28.30
N TYR B 80 -3.61 -0.27 28.16
CA TYR B 80 -4.80 -0.38 29.00
C TYR B 80 -5.97 -0.80 28.14
N MET B 81 -6.43 -2.03 28.31
CA MET B 81 -7.55 -2.57 27.56
C MET B 81 -8.79 -2.60 28.44
N GLU B 82 -9.91 -2.14 27.87
CA GLU B 82 -11.19 -2.29 28.54
C GLU B 82 -12.17 -2.93 27.58
N LEU B 83 -12.83 -3.99 28.04
CA LEU B 83 -13.76 -4.77 27.24
C LEU B 83 -15.15 -4.43 27.75
N THR B 84 -15.86 -3.55 27.05
CA THR B 84 -17.06 -2.92 27.61
C THR B 84 -18.12 -3.94 28.04
N ARG B 85 -18.64 -3.76 29.26
CA ARG B 85 -19.61 -4.66 29.87
C ARG B 85 -19.12 -6.10 29.89
N LEU B 86 -18.09 -6.36 30.69
CA LEU B 86 -17.59 -7.72 30.90
C LEU B 86 -18.73 -8.70 31.12
N THR B 87 -18.84 -9.68 30.22
CA THR B 87 -19.83 -10.74 30.32
C THR B 87 -19.15 -12.05 30.69
N SER B 88 -19.95 -13.03 31.08
CA SER B 88 -19.42 -14.34 31.43
C SER B 88 -18.65 -14.94 30.25
N GLU B 89 -19.12 -14.67 29.03
CA GLU B 89 -18.38 -15.10 27.84
C GLU B 89 -17.02 -14.42 27.78
N ASP B 90 -16.96 -13.13 28.10
CA ASP B 90 -15.70 -12.41 28.07
C ASP B 90 -14.81 -12.79 29.24
N SER B 91 -15.37 -13.45 30.25
CA SER B 91 -14.59 -13.86 31.41
C SER B 91 -13.63 -14.97 31.03
N ALA B 92 -12.33 -14.65 31.00
CA ALA B 92 -11.35 -15.58 30.46
C ALA B 92 -9.92 -15.19 30.78
N VAL B 93 -8.97 -15.91 30.18
CA VAL B 93 -7.55 -15.63 30.32
C VAL B 93 -7.12 -14.69 29.21
N TYR B 94 -6.39 -13.63 29.58
CA TYR B 94 -5.97 -12.61 28.63
C TYR B 94 -4.46 -12.60 28.55
N PHE B 95 -3.93 -12.39 27.34
CA PHE B 95 -2.49 -12.35 27.14
C PHE B 95 -2.11 -11.10 26.33
N CYS B 96 -0.89 -10.62 26.54
CA CYS B 96 -0.33 -9.53 25.75
C CYS B 96 1.09 -9.89 25.37
N ALA B 97 1.44 -9.66 24.10
CA ALA B 97 2.76 -10.00 23.59
C ALA B 97 3.22 -8.90 22.65
N SER B 98 4.43 -9.04 22.12
CA SER B 98 5.03 -8.01 21.29
C SER B 98 6.20 -8.60 20.51
N HIS B 99 6.96 -7.72 19.88
CA HIS B 99 8.10 -8.09 19.04
C HIS B 99 9.24 -7.12 19.26
N GLU B 100 10.44 -7.50 18.84
CA GLU B 100 11.61 -6.65 19.01
C GLU B 100 12.04 -5.97 17.72
N GLY B 101 11.88 -6.64 16.57
CA GLY B 101 12.39 -6.14 15.32
C GLY B 101 11.34 -5.55 14.40
N PRO B 102 11.61 -5.59 13.09
CA PRO B 102 10.80 -4.80 12.14
C PRO B 102 9.68 -5.55 11.41
N TYR B 103 9.53 -6.86 11.57
CA TYR B 103 8.51 -7.58 10.81
C TYR B 103 7.56 -8.39 11.69
N VAL B 104 7.61 -8.20 13.00
CA VAL B 104 6.72 -8.85 13.97
C VAL B 104 6.98 -10.35 14.04
N TYR B 105 7.21 -10.84 15.26
CA TYR B 105 7.07 -12.24 15.63
C TYR B 105 7.06 -12.30 17.16
N PHE B 106 6.08 -12.98 17.73
CA PHE B 106 5.86 -12.83 19.17
C PHE B 106 6.94 -13.55 19.97
N ASP B 107 8.16 -13.03 19.90
CA ASP B 107 9.33 -13.55 20.60
C ASP B 107 9.20 -13.47 22.08
N TYR B 108 8.23 -12.71 22.55
CA TYR B 108 7.99 -12.54 23.97
C TYR B 108 6.52 -12.77 24.23
N TRP B 109 6.17 -12.94 25.50
CA TRP B 109 4.81 -13.27 25.88
C TRP B 109 4.55 -12.76 27.29
N GLY B 110 3.27 -12.62 27.62
CA GLY B 110 2.90 -12.18 28.95
C GLY B 110 2.67 -13.36 29.90
N GLN B 111 2.50 -13.02 31.18
CA GLN B 111 2.24 -14.05 32.17
C GLN B 111 0.83 -14.63 32.01
N GLY B 112 -0.10 -13.81 31.55
CA GLY B 112 -1.46 -14.25 31.31
C GLY B 112 -2.47 -13.66 32.27
N THR B 113 -3.17 -12.62 31.83
CA THR B 113 -4.23 -12.04 32.64
C THR B 113 -5.40 -13.00 32.70
N THR B 114 -6.15 -12.95 33.80
CA THR B 114 -7.32 -13.77 33.98
C THR B 114 -8.50 -12.89 34.38
N LEU B 115 -9.69 -13.28 33.95
CA LEU B 115 -10.90 -12.52 34.26
C LEU B 115 -12.06 -13.48 34.45
N THR B 116 -12.85 -13.22 35.50
CA THR B 116 -14.02 -14.03 35.82
C THR B 116 -15.21 -13.10 35.99
N VAL B 117 -16.36 -13.52 35.49
CA VAL B 117 -17.58 -12.72 35.52
C VAL B 117 -18.69 -13.58 36.11
N SER B 118 -19.19 -13.17 37.28
CA SER B 118 -20.27 -13.87 37.97
C SER B 118 -20.81 -13.00 39.10
N SER B 119 -21.83 -13.48 39.80
CA SER B 119 -22.45 -12.75 40.89
C SER B 119 -22.41 -13.61 42.17
N ALA B 120 -21.29 -14.30 42.37
CA ALA B 120 -21.15 -15.17 43.53
C ALA B 120 -20.54 -14.43 44.70
N SER B 121 -20.41 -15.11 45.83
CA SER B 121 -19.85 -14.51 47.04
C SER B 121 -18.80 -15.46 47.59
N THR B 122 -17.73 -14.89 48.13
CA THR B 122 -16.65 -15.70 48.71
C THR B 122 -17.21 -16.62 49.79
N LYS B 123 -17.15 -17.92 49.53
CA LYS B 123 -17.78 -18.90 50.41
C LYS B 123 -16.81 -20.06 50.62
N GLY B 124 -16.77 -20.56 51.86
CA GLY B 124 -15.95 -21.70 52.19
C GLY B 124 -16.58 -23.01 51.75
N PRO B 125 -15.76 -24.03 51.53
CA PRO B 125 -16.26 -25.34 51.14
C PRO B 125 -16.65 -26.19 52.33
N SER B 126 -17.61 -27.08 52.08
CA SER B 126 -18.00 -28.10 53.05
C SER B 126 -17.46 -29.45 52.61
N VAL B 127 -16.82 -30.15 53.55
CA VAL B 127 -16.06 -31.36 53.24
C VAL B 127 -16.89 -32.56 53.66
N PHE B 128 -17.04 -33.53 52.75
CA PHE B 128 -17.82 -34.73 52.97
C PHE B 128 -16.96 -35.97 52.74
N PRO B 129 -16.80 -36.82 53.74
CA PRO B 129 -15.99 -38.04 53.55
C PRO B 129 -16.62 -38.96 52.52
N LEU B 130 -15.75 -39.69 51.82
CA LEU B 130 -16.16 -40.60 50.75
C LEU B 130 -15.88 -42.03 51.23
N ALA B 131 -16.91 -42.66 51.80
CA ALA B 131 -16.75 -43.98 52.39
C ALA B 131 -16.40 -45.01 51.33
N PRO B 132 -15.41 -45.88 51.59
CA PRO B 132 -15.10 -46.94 50.64
C PRO B 132 -16.22 -47.97 50.58
N SER B 133 -16.26 -48.71 49.47
CA SER B 133 -17.27 -49.76 49.31
C SER B 133 -17.11 -50.81 50.40
N SER B 134 -18.23 -51.14 51.04
CA SER B 134 -18.20 -52.09 52.15
C SER B 134 -17.84 -53.49 51.66
N LYS B 135 -18.39 -53.90 50.51
CA LYS B 135 -18.17 -55.23 49.97
C LYS B 135 -16.92 -55.31 49.10
N SER B 136 -15.98 -54.38 49.28
CA SER B 136 -14.71 -54.43 48.56
C SER B 136 -13.50 -54.32 49.48
N THR B 137 -13.68 -54.45 50.79
CA THR B 137 -12.57 -54.36 51.74
C THR B 137 -11.65 -55.58 51.69
N SER B 138 -12.05 -56.64 50.98
CA SER B 138 -11.22 -57.83 50.84
C SER B 138 -10.71 -58.01 49.41
N GLY B 139 -10.82 -56.99 48.58
CA GLY B 139 -10.37 -57.05 47.20
C GLY B 139 -8.91 -56.74 46.97
N GLY B 140 -8.12 -56.64 48.04
CA GLY B 140 -6.71 -56.34 47.89
C GLY B 140 -6.41 -54.85 47.98
N THR B 141 -7.13 -54.05 47.20
CA THR B 141 -6.95 -52.61 47.19
C THR B 141 -8.30 -51.92 47.20
N ALA B 142 -8.36 -50.79 47.91
CA ALA B 142 -9.57 -49.98 48.00
C ALA B 142 -9.18 -48.51 48.06
N ALA B 143 -10.16 -47.65 47.82
CA ALA B 143 -9.93 -46.22 47.82
C ALA B 143 -10.93 -45.51 48.73
N LEU B 144 -10.53 -44.33 49.19
CA LEU B 144 -11.39 -43.47 50.00
C LEU B 144 -10.98 -42.03 49.74
N GLY B 145 -11.88 -41.11 50.05
CA GLY B 145 -11.61 -39.72 49.76
C GLY B 145 -12.53 -38.79 50.51
N CYS B 146 -12.49 -37.52 50.13
CA CYS B 146 -13.43 -36.51 50.61
C CYS B 146 -13.84 -35.64 49.45
N LEU B 147 -15.03 -35.03 49.57
CA LEU B 147 -15.58 -34.20 48.51
C LEU B 147 -15.52 -32.74 48.97
N VAL B 148 -15.06 -31.87 48.08
CA VAL B 148 -15.01 -30.43 48.32
C VAL B 148 -15.98 -29.77 47.36
N LYS B 149 -17.01 -29.12 47.90
CA LYS B 149 -18.07 -28.55 47.09
C LYS B 149 -18.40 -27.14 47.55
N ASP B 150 -18.84 -26.31 46.59
CA ASP B 150 -19.45 -25.01 46.87
C ASP B 150 -18.49 -24.08 47.63
N TYR B 151 -17.40 -23.71 46.96
CA TYR B 151 -16.47 -22.71 47.49
C TYR B 151 -16.12 -21.71 46.40
N PHE B 152 -15.63 -20.56 46.84
CA PHE B 152 -15.28 -19.45 45.96
C PHE B 152 -14.42 -18.48 46.75
N PRO B 153 -13.26 -18.08 46.22
CA PRO B 153 -12.61 -18.57 45.01
C PRO B 153 -11.57 -19.65 45.25
N GLU B 154 -10.94 -20.09 44.17
CA GLU B 154 -9.90 -21.09 44.24
C GLU B 154 -8.64 -20.51 44.90
N PRO B 155 -7.74 -21.36 45.40
CA PRO B 155 -7.77 -22.82 45.44
C PRO B 155 -8.04 -23.38 46.83
N VAL B 156 -8.39 -24.66 46.92
CA VAL B 156 -8.44 -25.37 48.19
C VAL B 156 -7.29 -26.35 48.23
N THR B 157 -6.56 -26.33 49.33
CA THR B 157 -5.40 -27.19 49.53
C THR B 157 -5.80 -28.38 50.39
N VAL B 158 -5.56 -29.58 49.88
CA VAL B 158 -5.98 -30.81 50.54
C VAL B 158 -4.74 -31.64 50.85
N SER B 159 -4.78 -32.36 51.96
CA SER B 159 -3.73 -33.27 52.38
C SER B 159 -4.36 -34.45 53.11
N TRP B 160 -3.60 -35.53 53.24
CA TRP B 160 -4.10 -36.75 53.86
C TRP B 160 -3.23 -37.10 55.07
N ASN B 161 -3.90 -37.36 56.20
CA ASN B 161 -3.23 -37.72 57.45
C ASN B 161 -2.24 -36.63 57.87
N SER B 162 -2.64 -35.37 57.68
CA SER B 162 -1.79 -34.22 58.00
C SER B 162 -0.47 -34.30 57.23
N GLY B 163 -0.54 -34.73 55.97
CA GLY B 163 0.62 -34.87 55.13
C GLY B 163 1.38 -36.18 55.27
N ALA B 164 0.93 -37.07 56.15
CA ALA B 164 1.60 -38.36 56.32
C ALA B 164 1.22 -39.38 55.26
N LEU B 165 0.20 -39.09 54.44
CA LEU B 165 -0.24 -39.99 53.39
C LEU B 165 -0.10 -39.27 52.05
N THR B 166 0.91 -39.63 51.27
CA THR B 166 1.21 -38.95 50.02
C THR B 166 1.33 -39.94 48.87
N SER B 167 1.18 -41.24 49.16
CA SER B 167 1.30 -42.25 48.13
C SER B 167 -0.08 -42.61 47.59
N GLY B 168 -0.25 -42.47 46.27
CA GLY B 168 -1.49 -42.79 45.61
C GLY B 168 -2.53 -41.68 45.63
N VAL B 169 -2.23 -40.54 46.21
CA VAL B 169 -3.18 -39.45 46.34
C VAL B 169 -3.26 -38.69 45.02
N HIS B 170 -4.47 -38.48 44.52
CA HIS B 170 -4.70 -37.70 43.31
C HIS B 170 -5.63 -36.56 43.64
N THR B 171 -5.12 -35.33 43.58
CA THR B 171 -5.90 -34.12 43.80
C THR B 171 -6.20 -33.50 42.44
N PHE B 172 -7.47 -33.52 42.06
CA PHE B 172 -7.87 -33.14 40.73
C PHE B 172 -8.19 -31.64 40.65
N PRO B 173 -8.07 -31.05 39.47
CA PRO B 173 -8.42 -29.63 39.32
C PRO B 173 -9.91 -29.40 39.53
N ALA B 174 -10.26 -28.19 39.97
CA ALA B 174 -11.64 -27.87 40.27
C ALA B 174 -12.46 -27.74 39.00
N VAL B 175 -13.78 -27.77 39.17
CA VAL B 175 -14.73 -27.55 38.09
C VAL B 175 -15.77 -26.56 38.57
N LEU B 176 -16.18 -25.65 37.67
CA LEU B 176 -17.15 -24.62 38.02
C LEU B 176 -18.56 -25.17 37.84
N GLN B 177 -19.34 -25.12 38.92
CA GLN B 177 -20.70 -25.62 38.91
C GLN B 177 -21.67 -24.55 38.37
N SER B 178 -22.84 -25.01 37.95
CA SER B 178 -23.86 -24.11 37.40
C SER B 178 -24.34 -23.11 38.44
N SER B 179 -24.28 -23.44 39.73
CA SER B 179 -24.67 -22.51 40.77
C SER B 179 -23.67 -21.36 40.92
N GLY B 180 -22.52 -21.44 40.27
CA GLY B 180 -21.51 -20.41 40.36
C GLY B 180 -20.35 -20.71 41.28
N LEU B 181 -20.33 -21.89 41.91
CA LEU B 181 -19.27 -22.27 42.82
C LEU B 181 -18.47 -23.44 42.23
N TYR B 182 -17.28 -23.66 42.80
CA TYR B 182 -16.38 -24.68 42.29
C TYR B 182 -16.53 -25.99 43.06
N SER B 183 -16.05 -27.07 42.44
CA SER B 183 -16.11 -28.40 43.04
C SER B 183 -14.89 -29.19 42.58
N LEU B 184 -14.37 -30.04 43.46
CA LEU B 184 -13.27 -30.92 43.14
C LEU B 184 -13.27 -32.10 44.10
N SER B 185 -12.52 -33.14 43.74
CA SER B 185 -12.45 -34.38 44.50
C SER B 185 -11.02 -34.68 44.90
N SER B 186 -10.85 -35.19 46.12
CA SER B 186 -9.57 -35.66 46.61
C SER B 186 -9.72 -37.13 47.02
N VAL B 187 -8.82 -37.97 46.51
CA VAL B 187 -8.92 -39.41 46.68
C VAL B 187 -7.57 -39.97 47.11
N VAL B 188 -7.60 -41.21 47.61
CA VAL B 188 -6.39 -41.96 47.92
C VAL B 188 -6.71 -43.45 47.87
N THR B 189 -5.87 -44.20 47.16
CA THR B 189 -5.99 -45.65 47.08
C THR B 189 -5.14 -46.28 48.17
N VAL B 190 -5.74 -47.19 48.92
CA VAL B 190 -5.08 -47.78 50.10
C VAL B 190 -5.26 -49.28 50.08
N PRO B 191 -4.37 -50.01 50.74
CA PRO B 191 -4.57 -51.44 50.92
C PRO B 191 -5.85 -51.70 51.71
N SER B 192 -6.77 -52.45 51.10
CA SER B 192 -8.10 -52.67 51.67
C SER B 192 -8.07 -53.44 52.99
N SER B 193 -6.96 -54.11 53.30
CA SER B 193 -6.86 -54.85 54.55
C SER B 193 -6.67 -53.93 55.76
N SER B 194 -6.26 -52.69 55.55
CA SER B 194 -6.04 -51.74 56.63
C SER B 194 -7.18 -50.76 56.80
N LEU B 195 -8.31 -50.98 56.12
CA LEU B 195 -9.43 -50.05 56.20
C LEU B 195 -10.01 -49.99 57.62
N GLY B 196 -10.15 -51.14 58.28
CA GLY B 196 -10.74 -51.16 59.61
C GLY B 196 -9.76 -50.85 60.72
N THR B 197 -8.49 -50.62 60.36
CA THR B 197 -7.47 -50.34 61.36
C THR B 197 -6.91 -48.93 61.20
N GLN B 198 -6.47 -48.60 59.99
CA GLN B 198 -5.87 -47.29 59.75
C GLN B 198 -6.92 -46.21 59.73
N THR B 199 -6.70 -45.14 60.49
CA THR B 199 -7.59 -43.99 60.51
C THR B 199 -7.16 -43.01 59.42
N TYR B 200 -8.10 -42.66 58.54
CA TYR B 200 -7.82 -41.80 57.41
C TYR B 200 -8.56 -40.49 57.59
N ILE B 201 -7.82 -39.39 57.58
CA ILE B 201 -8.38 -38.04 57.70
C ILE B 201 -7.81 -37.19 56.58
N CYS B 202 -8.61 -36.27 56.08
CA CYS B 202 -8.17 -35.34 55.04
C CYS B 202 -8.35 -33.90 55.53
N ASN B 203 -7.37 -33.07 55.21
CA ASN B 203 -7.32 -31.68 55.68
C ASN B 203 -7.58 -30.78 54.48
N VAL B 204 -8.66 -30.01 54.54
CA VAL B 204 -9.04 -29.11 53.46
C VAL B 204 -8.91 -27.68 53.97
N ASN B 205 -8.08 -26.88 53.30
CA ASN B 205 -7.85 -25.49 53.67
C ASN B 205 -8.24 -24.59 52.51
N HIS B 206 -9.08 -23.61 52.79
CA HIS B 206 -9.48 -22.59 51.81
C HIS B 206 -9.07 -21.23 52.35
N LYS B 207 -7.88 -20.78 51.96
CA LYS B 207 -7.37 -19.49 52.42
C LYS B 207 -8.28 -18.31 52.09
N PRO B 208 -8.87 -18.20 50.90
CA PRO B 208 -9.71 -17.02 50.62
C PRO B 208 -10.87 -16.85 51.60
N SER B 209 -11.48 -17.94 52.06
CA SER B 209 -12.53 -17.86 53.06
C SER B 209 -12.04 -18.16 54.46
N ASN B 210 -10.74 -18.44 54.63
CA ASN B 210 -10.14 -18.73 55.94
C ASN B 210 -10.87 -19.87 56.64
N THR B 211 -11.20 -20.90 55.87
CA THR B 211 -11.92 -22.07 56.38
C THR B 211 -11.02 -23.29 56.31
N LYS B 212 -10.85 -23.97 57.44
CA LYS B 212 -10.07 -25.19 57.54
C LYS B 212 -10.92 -26.27 58.18
N VAL B 213 -11.02 -27.43 57.52
CA VAL B 213 -11.84 -28.53 57.99
C VAL B 213 -11.03 -29.82 57.95
N ASP B 214 -11.03 -30.55 59.05
CA ASP B 214 -10.45 -31.89 59.12
C ASP B 214 -11.60 -32.88 59.12
N LYS B 215 -11.59 -33.81 58.16
CA LYS B 215 -12.71 -34.70 57.93
C LYS B 215 -12.22 -36.14 57.88
N LYS B 216 -12.76 -36.97 58.77
CA LYS B 216 -12.37 -38.38 58.83
C LYS B 216 -13.19 -39.20 57.84
N VAL B 217 -12.54 -40.19 57.22
CA VAL B 217 -13.18 -41.08 56.26
C VAL B 217 -13.16 -42.48 56.83
N GLU B 218 -14.33 -43.08 56.98
CA GLU B 218 -14.50 -44.44 57.48
C GLU B 218 -15.49 -45.18 56.59
N PRO B 219 -15.38 -46.50 56.51
CA PRO B 219 -16.38 -47.28 55.76
C PRO B 219 -17.74 -47.18 56.45
N LYS B 220 -18.80 -47.21 55.64
CA LYS B 220 -20.14 -47.08 56.16
C LYS B 220 -20.57 -48.34 56.90
N SER B 221 -21.57 -48.18 57.75
CA SER B 221 -22.11 -49.30 58.52
C SER B 221 -23.44 -49.77 57.95
N ILE C 1 -6.05 -13.42 8.08
CA ILE C 1 -5.44 -14.73 7.89
C ILE C 1 -5.71 -15.63 9.10
N VAL C 2 -6.58 -16.62 8.90
CA VAL C 2 -6.97 -17.53 9.97
C VAL C 2 -5.95 -18.65 10.07
N MET C 3 -4.94 -18.45 10.92
CA MET C 3 -3.94 -19.49 11.15
C MET C 3 -4.51 -20.57 12.06
N THR C 4 -4.28 -21.83 11.71
CA THR C 4 -4.84 -22.96 12.43
C THR C 4 -3.74 -23.93 12.82
N GLN C 5 -4.12 -24.95 13.60
CA GLN C 5 -3.24 -26.06 13.95
C GLN C 5 -3.99 -27.36 13.65
N SER C 6 -3.59 -28.03 12.57
CA SER C 6 -4.25 -29.26 12.17
C SER C 6 -4.10 -30.35 13.23
N HIS C 7 -2.99 -30.34 13.95
CA HIS C 7 -2.75 -31.27 15.04
C HIS C 7 -2.95 -30.55 16.38
N LYS C 8 -3.86 -31.09 17.20
CA LYS C 8 -4.05 -30.58 18.54
C LYS C 8 -3.74 -31.61 19.62
N PHE C 9 -3.54 -32.88 19.26
CA PHE C 9 -3.04 -33.89 20.17
C PHE C 9 -2.35 -35.00 19.40
N MET C 10 -1.03 -35.04 19.44
CA MET C 10 -0.29 -36.06 18.70
C MET C 10 -0.02 -37.29 19.54
N SER C 11 0.44 -38.34 18.87
CA SER C 11 0.92 -39.57 19.49
C SER C 11 2.38 -39.74 19.15
N THR C 12 3.22 -39.96 20.16
CA THR C 12 4.65 -40.13 19.94
C THR C 12 5.25 -40.86 21.12
N SER C 13 6.42 -41.45 20.90
CA SER C 13 7.20 -42.09 21.95
C SER C 13 8.50 -41.33 22.16
N VAL C 14 9.15 -41.61 23.29
CA VAL C 14 10.36 -40.89 23.64
C VAL C 14 11.44 -41.11 22.57
N GLY C 15 12.09 -40.02 22.18
CA GLY C 15 13.12 -40.09 21.16
C GLY C 15 12.63 -40.53 19.80
N ASP C 16 11.49 -40.00 19.36
CA ASP C 16 10.92 -40.35 18.06
C ASP C 16 10.88 -39.09 17.19
N ARG C 17 10.25 -39.20 16.02
CA ARG C 17 10.14 -38.11 15.08
C ARG C 17 8.67 -37.87 14.75
N VAL C 18 8.29 -36.60 14.67
CA VAL C 18 6.92 -36.20 14.33
C VAL C 18 6.98 -34.81 13.73
N SER C 19 5.91 -34.41 13.02
CA SER C 19 5.86 -33.13 12.32
C SER C 19 4.56 -32.42 12.64
N ILE C 20 4.65 -31.13 12.96
CA ILE C 20 3.48 -30.29 13.14
C ILE C 20 3.13 -29.62 11.81
N THR C 21 1.83 -29.38 11.60
CA THR C 21 1.32 -28.95 10.29
C THR C 21 0.47 -27.69 10.47
N CYS C 22 1.05 -26.68 11.13
CA CYS C 22 0.40 -25.37 11.25
C CYS C 22 -0.08 -24.88 9.90
N LYS C 23 -1.36 -24.55 9.82
CA LYS C 23 -2.02 -24.25 8.56
C LYS C 23 -2.65 -22.86 8.61
N ALA C 24 -2.62 -22.19 7.47
CA ALA C 24 -3.16 -20.84 7.36
C ALA C 24 -4.16 -20.78 6.22
N SER C 25 -4.82 -19.63 6.09
CA SER C 25 -5.78 -19.38 5.03
C SER C 25 -5.16 -18.64 3.85
N GLN C 26 -4.28 -17.68 4.12
CA GLN C 26 -3.54 -16.96 3.09
C GLN C 26 -2.05 -17.12 3.32
N ASP C 27 -1.29 -16.97 2.23
CA ASP C 27 0.16 -17.14 2.28
C ASP C 27 0.77 -16.06 3.17
N VAL C 28 1.92 -16.38 3.75
CA VAL C 28 2.62 -15.43 4.61
C VAL C 28 4.06 -15.27 4.16
N SER C 29 4.48 -16.09 3.20
CA SER C 29 5.85 -16.09 2.67
C SER C 29 6.78 -16.41 3.86
N THR C 30 7.71 -15.53 4.23
CA THR C 30 8.62 -15.83 5.32
C THR C 30 8.11 -15.33 6.66
N ALA C 31 6.79 -15.20 6.81
CA ALA C 31 6.20 -14.61 7.99
C ALA C 31 5.59 -15.63 8.94
N VAL C 32 6.23 -16.77 9.14
CA VAL C 32 5.72 -17.80 10.03
C VAL C 32 6.54 -17.79 11.33
N ALA C 33 5.90 -18.24 12.41
CA ALA C 33 6.57 -18.38 13.70
C ALA C 33 6.20 -19.70 14.35
N TRP C 34 6.64 -19.93 15.59
CA TRP C 34 6.39 -21.19 16.27
C TRP C 34 6.37 -20.98 17.77
N TYR C 35 5.27 -21.37 18.41
CA TYR C 35 5.06 -21.09 19.83
C TYR C 35 4.72 -22.39 20.55
N GLN C 36 5.44 -22.67 21.63
CA GLN C 36 5.20 -23.83 22.46
C GLN C 36 4.81 -23.39 23.87
N GLN C 37 3.84 -24.07 24.46
CA GLN C 37 3.29 -23.69 25.75
C GLN C 37 3.09 -24.94 26.61
N LYS C 38 3.92 -25.07 27.64
CA LYS C 38 3.59 -26.08 28.65
C LYS C 38 2.37 -25.61 29.44
N PRO C 39 1.49 -26.54 29.85
CA PRO C 39 0.27 -26.14 30.56
C PRO C 39 0.55 -25.27 31.78
N GLY C 40 -0.10 -24.10 31.85
CA GLY C 40 0.13 -23.19 32.94
C GLY C 40 1.39 -22.36 32.85
N GLN C 41 2.11 -22.43 31.73
CA GLN C 41 3.35 -21.70 31.54
C GLN C 41 3.19 -20.71 30.40
N SER C 42 3.79 -19.53 30.53
CA SER C 42 3.77 -18.51 29.49
C SER C 42 4.41 -19.08 28.22
N PRO C 43 3.74 -18.94 27.08
CA PRO C 43 4.24 -19.58 25.84
C PRO C 43 5.61 -19.05 25.44
N LYS C 44 6.37 -19.91 24.78
CA LYS C 44 7.70 -19.58 24.31
C LYS C 44 7.74 -19.66 22.78
N LEU C 45 8.58 -18.83 22.19
CA LEU C 45 8.77 -18.82 20.74
C LEU C 45 9.82 -19.85 20.36
N LEU C 46 9.52 -20.69 19.37
CA LEU C 46 10.40 -21.79 19.02
C LEU C 46 11.21 -21.47 17.78
N ILE C 47 10.54 -21.22 16.66
CA ILE C 47 11.17 -20.85 15.41
C ILE C 47 10.47 -19.63 14.87
N TYR C 48 11.23 -18.68 14.35
CA TYR C 48 10.66 -17.44 13.82
C TYR C 48 11.29 -17.18 12.46
N TRP C 49 10.59 -16.38 11.65
CA TRP C 49 11.11 -15.96 10.34
C TRP C 49 11.51 -17.16 9.50
N THR C 50 10.52 -17.97 9.10
CA THR C 50 10.72 -19.20 8.33
C THR C 50 11.38 -20.26 9.20
N SER C 51 12.68 -20.49 9.01
CA SER C 51 13.40 -21.51 9.74
C SER C 51 14.31 -20.95 10.82
N THR C 52 14.41 -19.63 10.96
CA THR C 52 15.41 -19.02 11.83
C THR C 52 15.05 -19.34 13.28
N ARG C 53 15.80 -20.28 13.85
CA ARG C 53 15.59 -20.75 15.21
C ARG C 53 15.74 -19.61 16.20
N HIS C 54 14.81 -19.54 17.15
CA HIS C 54 14.89 -18.52 18.19
C HIS C 54 16.08 -18.79 19.10
N THR C 55 16.61 -17.72 19.69
CA THR C 55 17.81 -17.82 20.51
C THR C 55 17.60 -18.76 21.69
N GLY C 56 18.55 -19.66 21.89
CA GLY C 56 18.51 -20.59 23.01
C GLY C 56 17.36 -21.57 22.96
N VAL C 57 17.12 -22.18 21.81
CA VAL C 57 16.04 -23.14 21.64
C VAL C 57 16.66 -24.50 21.28
N PRO C 58 16.14 -25.61 21.84
CA PRO C 58 16.71 -26.93 21.53
C PRO C 58 16.72 -27.25 20.04
N ASP C 59 17.80 -27.91 19.59
CA ASP C 59 18.03 -28.10 18.16
C ASP C 59 16.94 -28.99 17.54
N ARG C 60 16.48 -29.99 18.29
CA ARG C 60 15.65 -31.06 17.72
C ARG C 60 14.51 -30.52 16.86
N PHE C 61 14.03 -29.32 17.17
CA PHE C 61 12.94 -28.72 16.41
C PHE C 61 13.47 -28.00 15.18
N THR C 62 13.01 -28.41 14.00
CA THR C 62 13.50 -27.85 12.75
C THR C 62 12.39 -27.86 11.70
N GLY C 63 12.38 -26.85 10.85
CA GLY C 63 11.43 -26.78 9.76
C GLY C 63 11.28 -25.35 9.28
N SER C 64 10.52 -25.21 8.19
CA SER C 64 10.30 -23.91 7.56
C SER C 64 9.20 -24.06 6.52
N GLY C 65 9.02 -23.02 5.72
CA GLY C 65 8.09 -23.04 4.62
C GLY C 65 7.97 -21.66 4.00
N SER C 66 7.25 -21.59 2.88
CA SER C 66 6.98 -20.30 2.26
C SER C 66 5.57 -20.25 1.69
N GLY C 67 4.76 -21.27 1.98
CA GLY C 67 3.44 -21.34 1.38
C GLY C 67 2.29 -21.09 2.34
N THR C 68 1.40 -22.08 2.45
CA THR C 68 0.19 -21.96 3.28
C THR C 68 -0.08 -23.17 4.15
N ASP C 69 0.73 -24.23 4.09
CA ASP C 69 0.50 -25.47 4.84
C ASP C 69 1.75 -25.80 5.66
N TYR C 70 2.30 -24.78 6.31
CA TYR C 70 3.61 -24.81 6.93
C TYR C 70 3.82 -26.06 7.76
N THR C 71 5.06 -26.55 7.78
CA THR C 71 5.39 -27.77 8.50
C THR C 71 6.83 -27.70 9.00
N LEU C 72 7.03 -28.13 10.24
CA LEU C 72 8.37 -28.34 10.77
C LEU C 72 8.44 -29.78 11.27
N THR C 73 9.59 -30.14 11.82
CA THR C 73 9.80 -31.49 12.33
C THR C 73 10.56 -31.45 13.65
N ILE C 74 10.40 -32.53 14.42
CA ILE C 74 11.14 -32.75 15.66
C ILE C 74 11.88 -34.07 15.54
N SER C 75 13.17 -34.05 15.86
CA SER C 75 14.00 -35.24 15.66
C SER C 75 14.04 -36.11 16.91
N SER C 76 14.17 -35.49 18.08
CA SER C 76 14.21 -36.21 19.35
C SER C 76 13.06 -35.77 20.24
N VAL C 77 12.39 -36.74 20.86
CA VAL C 77 11.22 -36.50 21.70
C VAL C 77 11.57 -36.81 23.15
N GLN C 78 11.25 -35.88 24.04
CA GLN C 78 11.46 -36.06 25.47
C GLN C 78 10.15 -35.80 26.20
N ALA C 79 10.04 -36.32 27.42
CA ALA C 79 8.81 -36.17 28.19
C ALA C 79 8.50 -34.70 28.47
N GLU C 80 9.55 -33.87 28.60
CA GLU C 80 9.32 -32.46 28.87
C GLU C 80 8.74 -31.74 27.67
N ASP C 81 8.88 -32.32 26.47
CA ASP C 81 8.41 -31.65 25.27
C ASP C 81 6.90 -31.71 25.15
N LEU C 82 6.25 -32.51 25.98
CA LEU C 82 4.79 -32.62 25.95
C LEU C 82 4.18 -31.28 26.35
N ALA C 83 3.50 -30.63 25.39
CA ALA C 83 2.97 -29.30 25.65
C ALA C 83 1.97 -28.81 24.61
N LEU C 84 1.59 -27.54 24.71
CA LEU C 84 0.74 -26.87 23.74
C LEU C 84 1.61 -26.21 22.68
N TYR C 85 1.28 -26.46 21.41
CA TYR C 85 2.10 -25.98 20.29
C TYR C 85 1.20 -25.27 19.29
N TYR C 86 1.47 -23.99 19.04
CA TYR C 86 0.79 -23.26 17.99
C TYR C 86 1.65 -22.18 17.34
N CYS C 87 1.08 -21.47 16.37
CA CYS C 87 1.80 -20.57 15.49
C CYS C 87 1.00 -19.29 15.32
N GLN C 88 1.61 -18.29 14.68
CA GLN C 88 0.95 -17.02 14.41
C GLN C 88 1.72 -16.27 13.34
N HIS C 89 1.00 -15.86 12.28
CA HIS C 89 1.58 -15.24 11.10
C HIS C 89 2.01 -13.80 11.38
N HIS C 90 2.67 -13.21 10.38
CA HIS C 90 3.07 -11.81 10.47
C HIS C 90 2.69 -11.08 9.20
N TYR C 91 1.56 -11.45 8.59
CA TYR C 91 1.25 -11.03 7.23
C TYR C 91 0.52 -9.70 7.14
N SER C 92 -0.69 -9.64 7.69
CA SER C 92 -1.48 -8.42 7.63
C SER C 92 -1.89 -8.00 9.03
N THR C 93 -2.69 -6.93 9.10
CA THR C 93 -3.06 -6.41 10.41
C THR C 93 -3.92 -7.35 11.26
N PRO C 94 -4.68 -8.32 10.69
CA PRO C 94 -5.36 -9.29 11.57
C PRO C 94 -4.50 -10.50 11.94
N TYR C 95 -3.60 -10.37 12.91
CA TYR C 95 -2.90 -11.55 13.41
C TYR C 95 -3.88 -12.53 14.04
N THR C 96 -3.58 -13.80 13.89
CA THR C 96 -4.40 -14.87 14.46
C THR C 96 -3.43 -15.88 15.07
N PHE C 97 -3.96 -17.00 15.56
CA PHE C 97 -3.14 -18.03 16.19
C PHE C 97 -3.73 -19.39 15.87
N GLY C 98 -2.86 -20.38 15.74
CA GLY C 98 -3.33 -21.74 15.60
C GLY C 98 -4.05 -22.23 16.84
N GLY C 99 -4.88 -23.25 16.64
CA GLY C 99 -5.70 -23.75 17.75
C GLY C 99 -4.89 -24.32 18.89
N GLY C 100 -3.72 -24.85 18.59
CA GLY C 100 -2.87 -25.47 19.59
C GLY C 100 -2.61 -26.94 19.29
N THR C 101 -1.69 -27.52 20.06
CA THR C 101 -1.32 -28.91 19.90
C THR C 101 -1.09 -29.51 21.29
N LYS C 102 -1.06 -30.84 21.38
CA LYS C 102 -0.75 -31.47 22.66
C LYS C 102 -0.02 -32.78 22.37
N LEU C 103 1.31 -32.73 22.43
CA LEU C 103 2.11 -33.94 22.34
C LEU C 103 1.73 -34.88 23.48
N GLU C 104 1.50 -36.16 23.13
CA GLU C 104 1.09 -37.15 24.11
C GLU C 104 1.94 -38.40 23.92
N ILE C 105 2.59 -38.84 25.00
CA ILE C 105 3.42 -40.04 24.93
C ILE C 105 2.53 -41.28 24.85
N GLN C 106 2.94 -42.22 23.99
CA GLN C 106 2.25 -43.50 23.82
C GLN C 106 3.11 -44.61 24.45
N ARG C 107 2.92 -44.83 25.74
CA ARG C 107 3.54 -45.94 26.45
C ARG C 107 2.50 -47.03 26.70
N THR C 108 2.85 -48.00 27.54
CA THR C 108 1.96 -49.11 27.84
C THR C 108 0.61 -48.62 28.35
N VAL C 109 -0.42 -49.45 28.13
CA VAL C 109 -1.78 -49.12 28.52
C VAL C 109 -2.01 -49.57 29.96
N ALA C 110 -2.60 -48.69 30.77
CA ALA C 110 -2.89 -48.97 32.16
C ALA C 110 -4.39 -48.84 32.40
N ALA C 111 -5.01 -49.88 32.93
CA ALA C 111 -6.43 -49.85 33.21
C ALA C 111 -6.73 -48.98 34.44
N PRO C 112 -7.87 -48.29 34.45
CA PRO C 112 -8.20 -47.46 35.60
C PRO C 112 -8.75 -48.29 36.75
N SER C 113 -8.51 -47.81 37.97
CA SER C 113 -9.15 -48.38 39.15
C SER C 113 -10.36 -47.53 39.51
N VAL C 114 -11.53 -48.15 39.51
CA VAL C 114 -12.81 -47.45 39.62
C VAL C 114 -13.37 -47.67 41.02
N PHE C 115 -13.77 -46.57 41.67
CA PHE C 115 -14.43 -46.61 42.97
C PHE C 115 -15.52 -45.55 42.98
N ILE C 116 -16.69 -45.93 43.50
CA ILE C 116 -17.80 -45.00 43.69
C ILE C 116 -17.93 -44.70 45.17
N PHE C 117 -18.37 -43.50 45.50
CA PHE C 117 -18.28 -42.99 46.86
C PHE C 117 -19.60 -42.37 47.30
N PRO C 118 -20.25 -42.89 48.34
CA PRO C 118 -21.52 -42.32 48.80
C PRO C 118 -21.33 -40.97 49.47
N PRO C 119 -22.37 -40.15 49.51
CA PRO C 119 -22.29 -38.88 50.25
C PRO C 119 -22.28 -39.12 51.75
N SER C 120 -21.95 -38.07 52.51
CA SER C 120 -21.81 -38.20 53.94
C SER C 120 -23.05 -37.73 54.69
N ASP C 121 -23.14 -38.13 55.96
CA ASP C 121 -24.20 -37.65 56.82
C ASP C 121 -24.03 -36.17 57.14
N GLU C 122 -22.78 -35.70 57.23
CA GLU C 122 -22.55 -34.26 57.37
C GLU C 122 -23.09 -33.51 56.16
N GLN C 123 -22.96 -34.11 54.98
CA GLN C 123 -23.59 -33.54 53.79
C GLN C 123 -25.09 -33.74 53.81
N LEU C 124 -25.55 -34.82 54.44
CA LEU C 124 -26.99 -35.04 54.59
C LEU C 124 -27.63 -33.95 55.44
N LYS C 125 -26.88 -33.40 56.39
CA LYS C 125 -27.39 -32.33 57.22
C LYS C 125 -27.48 -31.00 56.48
N SER C 126 -26.70 -30.82 55.40
CA SER C 126 -26.60 -29.53 54.75
C SER C 126 -27.68 -29.29 53.70
N GLY C 127 -28.45 -30.31 53.31
CA GLY C 127 -29.49 -30.15 52.32
C GLY C 127 -29.05 -30.34 50.89
N THR C 128 -27.78 -30.63 50.64
CA THR C 128 -27.27 -30.94 49.31
C THR C 128 -26.59 -32.30 49.37
N ALA C 129 -26.61 -33.02 48.26
CA ALA C 129 -26.01 -34.35 48.18
C ALA C 129 -25.27 -34.50 46.86
N SER C 130 -24.04 -35.00 46.93
CA SER C 130 -23.19 -35.18 45.77
C SER C 130 -22.50 -36.54 45.85
N VAL C 131 -22.36 -37.19 44.69
CA VAL C 131 -21.68 -38.48 44.57
C VAL C 131 -20.54 -38.32 43.57
N VAL C 132 -19.50 -39.12 43.72
CA VAL C 132 -18.31 -39.03 42.88
C VAL C 132 -17.91 -40.43 42.42
N CYS C 133 -17.23 -40.49 41.29
CA CYS C 133 -16.63 -41.71 40.78
C CYS C 133 -15.16 -41.44 40.49
N LEU C 134 -14.29 -42.37 40.86
CA LEU C 134 -12.85 -42.17 40.82
C LEU C 134 -12.22 -43.05 39.75
N LEU C 135 -11.34 -42.45 38.94
CA LEU C 135 -10.50 -43.16 37.99
C LEU C 135 -9.05 -42.92 38.38
N ASN C 136 -8.29 -44.00 38.54
CA ASN C 136 -6.92 -43.93 39.02
C ASN C 136 -5.99 -44.56 37.99
N ASN C 137 -4.75 -44.05 37.95
CA ASN C 137 -3.60 -44.64 37.23
C ASN C 137 -4.00 -45.31 35.92
N PHE C 138 -4.59 -44.51 35.04
CA PHE C 138 -5.01 -44.95 33.72
C PHE C 138 -4.27 -44.18 32.63
N TYR C 139 -4.18 -44.78 31.45
CA TYR C 139 -3.41 -44.26 30.33
C TYR C 139 -3.90 -45.08 29.14
N PRO C 140 -4.31 -44.46 28.02
CA PRO C 140 -4.32 -43.02 27.69
C PRO C 140 -5.38 -42.18 28.38
N ARG C 141 -5.25 -40.86 28.21
CA ARG C 141 -6.11 -39.90 28.89
C ARG C 141 -7.57 -40.08 28.51
N GLU C 142 -7.83 -40.60 27.32
CA GLU C 142 -9.21 -40.74 26.84
C GLU C 142 -9.97 -41.74 27.71
N ALA C 143 -11.01 -41.25 28.39
CA ALA C 143 -11.86 -42.10 29.21
C ALA C 143 -13.26 -41.50 29.22
N LYS C 144 -14.24 -42.36 29.47
CA LYS C 144 -15.63 -41.95 29.49
C LYS C 144 -16.29 -42.46 30.76
N VAL C 145 -16.96 -41.56 31.47
CA VAL C 145 -17.67 -41.88 32.71
C VAL C 145 -19.14 -41.60 32.49
N GLN C 146 -19.97 -42.63 32.66
CA GLN C 146 -21.41 -42.52 32.56
C GLN C 146 -22.02 -42.79 33.93
N TRP C 147 -22.82 -41.86 34.42
CA TRP C 147 -23.40 -41.96 35.75
C TRP C 147 -24.80 -42.54 35.66
N LYS C 148 -25.07 -43.56 36.46
CA LYS C 148 -26.36 -44.24 36.46
C LYS C 148 -26.98 -44.16 37.85
N VAL C 149 -28.22 -43.66 37.90
CA VAL C 149 -28.99 -43.57 39.13
C VAL C 149 -30.29 -44.31 38.87
N ASP C 150 -30.46 -45.48 39.49
CA ASP C 150 -31.57 -46.38 39.20
C ASP C 150 -31.61 -46.71 37.70
N ASN C 151 -30.41 -46.90 37.13
CA ASN C 151 -30.17 -47.20 35.72
C ASN C 151 -30.62 -46.08 34.78
N ALA C 152 -30.87 -44.87 35.30
CA ALA C 152 -31.22 -43.75 34.45
C ALA C 152 -29.98 -42.90 34.18
N LEU C 153 -29.74 -42.59 32.92
CA LEU C 153 -28.58 -41.80 32.55
C LEU C 153 -28.81 -40.33 32.85
N GLN C 154 -27.81 -39.67 33.45
CA GLN C 154 -27.87 -38.26 33.75
C GLN C 154 -26.97 -37.47 32.80
N SER C 155 -27.36 -36.23 32.54
CA SER C 155 -26.58 -35.35 31.69
C SER C 155 -26.72 -33.92 32.18
N GLY C 156 -25.59 -33.21 32.24
CA GLY C 156 -25.58 -31.82 32.66
C GLY C 156 -25.53 -31.59 34.15
N ASN C 157 -25.59 -32.66 34.97
CA ASN C 157 -25.49 -32.53 36.42
C ASN C 157 -24.21 -33.17 36.95
N SER C 158 -23.25 -33.46 36.07
CA SER C 158 -21.99 -34.04 36.47
C SER C 158 -20.85 -33.25 35.84
N GLN C 159 -19.74 -33.17 36.57
CA GLN C 159 -18.56 -32.47 36.10
C GLN C 159 -17.33 -33.33 36.42
N GLU C 160 -16.34 -33.25 35.55
CA GLU C 160 -15.13 -34.08 35.67
C GLU C 160 -13.89 -33.25 35.38
N SER C 161 -12.77 -33.69 35.94
CA SER C 161 -11.48 -33.07 35.70
C SER C 161 -10.41 -34.15 35.71
N VAL C 162 -9.35 -33.92 34.94
CA VAL C 162 -8.28 -34.90 34.75
C VAL C 162 -6.98 -34.31 35.26
N THR C 163 -6.26 -35.10 36.05
CA THR C 163 -4.95 -34.68 36.55
C THR C 163 -3.91 -34.75 35.44
N GLU C 164 -2.84 -33.99 35.61
CA GLU C 164 -1.75 -34.01 34.65
C GLU C 164 -0.92 -35.28 34.81
N GLN C 165 -0.05 -35.53 33.83
CA GLN C 165 0.75 -36.75 33.82
C GLN C 165 1.68 -36.79 35.01
N ASP C 166 1.71 -37.94 35.69
CA ASP C 166 2.59 -38.11 36.83
C ASP C 166 4.04 -38.21 36.39
N SER C 167 4.93 -37.56 37.14
CA SER C 167 6.34 -37.55 36.78
C SER C 167 7.08 -38.80 37.23
N LYS C 168 6.51 -39.60 38.13
CA LYS C 168 7.18 -40.77 38.66
C LYS C 168 6.77 -42.06 37.99
N ASP C 169 5.50 -42.21 37.61
CA ASP C 169 4.99 -43.43 37.00
C ASP C 169 4.22 -43.19 35.71
N SER C 170 4.10 -41.94 35.27
CA SER C 170 3.51 -41.58 33.99
C SER C 170 2.11 -42.14 33.79
N THR C 171 1.23 -42.03 34.78
CA THR C 171 -0.17 -42.38 34.63
C THR C 171 -1.05 -41.13 34.64
N TYR C 172 -2.35 -41.36 34.56
CA TYR C 172 -3.33 -40.30 34.62
C TYR C 172 -4.45 -40.70 35.58
N SER C 173 -5.23 -39.71 36.01
CA SER C 173 -6.37 -39.95 36.89
C SER C 173 -7.47 -38.96 36.58
N LEU C 174 -8.71 -39.41 36.75
CA LEU C 174 -9.89 -38.61 36.47
C LEU C 174 -10.88 -38.76 37.61
N SER C 175 -11.57 -37.65 37.92
CA SER C 175 -12.62 -37.65 38.93
C SER C 175 -13.83 -36.89 38.42
N SER C 176 -15.00 -37.53 38.50
CA SER C 176 -16.25 -36.93 38.07
C SER C 176 -17.17 -36.77 39.27
N THR C 177 -17.72 -35.57 39.45
CA THR C 177 -18.58 -35.24 40.58
C THR C 177 -20.00 -35.05 40.08
N LEU C 178 -20.92 -35.85 40.61
CA LEU C 178 -22.34 -35.72 40.29
C LEU C 178 -23.03 -34.98 41.44
N THR C 179 -23.75 -33.91 41.12
CA THR C 179 -24.39 -33.06 42.11
C THR C 179 -25.90 -33.15 41.95
N LEU C 180 -26.60 -33.37 43.06
CA LEU C 180 -28.05 -33.52 43.06
C LEU C 180 -28.66 -32.80 44.25
N SER C 181 -29.95 -32.53 44.15
CA SER C 181 -30.68 -31.95 45.27
C SER C 181 -30.99 -33.02 46.31
N LYS C 182 -31.41 -32.57 47.49
CA LYS C 182 -31.62 -33.52 48.59
C LYS C 182 -32.86 -34.38 48.36
N ALA C 183 -33.96 -33.78 47.92
CA ALA C 183 -35.14 -34.56 47.59
C ALA C 183 -34.87 -35.51 46.44
N ASP C 184 -34.09 -35.06 45.46
CA ASP C 184 -33.72 -35.93 44.34
C ASP C 184 -32.86 -37.09 44.81
N TYR C 185 -31.91 -36.82 45.73
CA TYR C 185 -31.03 -37.88 46.21
C TYR C 185 -31.79 -38.90 47.04
N GLU C 186 -32.59 -38.43 48.00
CA GLU C 186 -33.26 -39.37 48.92
C GLU C 186 -34.39 -40.14 48.25
N LYS C 187 -34.85 -39.71 47.08
CA LYS C 187 -35.89 -40.42 46.35
C LYS C 187 -35.34 -41.56 45.49
N HIS C 188 -34.02 -41.68 45.36
CA HIS C 188 -33.39 -42.73 44.57
C HIS C 188 -32.58 -43.64 45.48
N LYS C 189 -32.41 -44.88 45.02
CA LYS C 189 -31.76 -45.91 45.82
C LYS C 189 -30.40 -46.33 45.29
N VAL C 190 -30.31 -46.71 44.02
CA VAL C 190 -29.09 -47.28 43.44
C VAL C 190 -28.35 -46.18 42.71
N TYR C 191 -27.08 -45.98 43.06
CA TYR C 191 -26.21 -45.02 42.41
C TYR C 191 -24.99 -45.75 41.86
N ALA C 192 -24.77 -45.66 40.55
CA ALA C 192 -23.70 -46.37 39.88
C ALA C 192 -22.98 -45.46 38.92
N CYS C 193 -21.68 -45.68 38.75
CA CYS C 193 -20.87 -44.99 37.76
C CYS C 193 -20.24 -46.00 36.83
N GLU C 194 -20.36 -45.78 35.52
CA GLU C 194 -19.82 -46.68 34.51
C GLU C 194 -18.62 -46.03 33.86
N VAL C 195 -17.51 -46.77 33.81
CA VAL C 195 -16.24 -46.26 33.29
C VAL C 195 -15.84 -47.10 32.09
N THR C 196 -15.63 -46.45 30.95
CA THR C 196 -15.19 -47.11 29.74
C THR C 196 -13.77 -46.65 29.41
N HIS C 197 -12.85 -47.60 29.30
CA HIS C 197 -11.47 -47.28 29.00
C HIS C 197 -10.89 -48.37 28.11
N GLN C 198 -9.94 -47.97 27.27
CA GLN C 198 -9.30 -48.91 26.35
C GLN C 198 -8.54 -50.00 27.09
N GLY C 199 -8.09 -49.73 28.31
CA GLY C 199 -7.47 -50.74 29.12
C GLY C 199 -8.40 -51.76 29.71
N LEU C 200 -9.71 -51.53 29.59
CA LEU C 200 -10.74 -52.46 30.04
C LEU C 200 -11.51 -52.98 28.84
N SER C 201 -11.58 -54.31 28.71
CA SER C 201 -12.31 -54.90 27.58
C SER C 201 -13.79 -54.58 27.63
N SER C 202 -14.35 -54.37 28.82
CA SER C 202 -15.75 -54.04 29.01
C SER C 202 -15.85 -52.91 30.02
N PRO C 203 -16.89 -52.09 29.95
CA PRO C 203 -17.06 -51.01 30.94
C PRO C 203 -17.15 -51.57 32.35
N VAL C 204 -16.54 -50.85 33.30
CA VAL C 204 -16.51 -51.25 34.70
C VAL C 204 -17.45 -50.33 35.47
N THR C 205 -18.40 -50.93 36.18
CA THR C 205 -19.41 -50.18 36.93
C THR C 205 -19.23 -50.43 38.42
N LYS C 206 -19.09 -49.35 39.18
CA LYS C 206 -19.08 -49.40 40.64
C LYS C 206 -20.37 -48.76 41.16
N SER C 207 -21.02 -49.44 42.09
CA SER C 207 -22.33 -49.02 42.55
C SER C 207 -22.42 -49.18 44.06
N PHE C 208 -23.36 -48.45 44.65
CA PHE C 208 -23.64 -48.55 46.07
C PHE C 208 -25.12 -48.26 46.29
N ASN C 209 -25.67 -48.80 47.38
CA ASN C 209 -27.03 -48.50 47.78
C ASN C 209 -27.05 -47.33 48.75
N ARG C 210 -28.12 -46.52 48.67
CA ARG C 210 -28.23 -45.36 49.55
C ARG C 210 -28.34 -45.78 51.01
N GLY C 211 -29.04 -46.86 51.28
CA GLY C 211 -29.15 -47.38 52.64
C GLY C 211 -27.93 -48.16 53.07
N GLU D 1 -18.54 8.32 -23.56
CA GLU D 1 -17.34 7.70 -24.07
C GLU D 1 -16.11 8.27 -23.36
N VAL D 2 -15.03 7.49 -23.31
CA VAL D 2 -13.83 7.88 -22.59
C VAL D 2 -13.23 9.12 -23.23
N GLN D 3 -13.29 10.24 -22.52
CA GLN D 3 -12.85 11.52 -23.07
C GLN D 3 -12.57 12.48 -21.93
N LEU D 4 -11.98 13.62 -22.28
CA LEU D 4 -11.74 14.72 -21.34
C LEU D 4 -12.32 16.00 -21.92
N GLN D 5 -13.61 16.23 -21.68
CA GLN D 5 -14.26 17.46 -22.10
C GLN D 5 -14.19 18.50 -20.98
N GLN D 6 -13.92 19.75 -21.35
CA GLN D 6 -13.82 20.82 -20.37
C GLN D 6 -14.47 22.08 -20.90
N SER D 7 -14.31 23.16 -20.14
CA SER D 7 -14.85 24.45 -20.54
C SER D 7 -14.15 24.96 -21.79
N GLY D 8 -14.91 25.67 -22.62
CA GLY D 8 -14.37 26.19 -23.86
C GLY D 8 -13.38 27.32 -23.63
N ALA D 9 -12.91 27.87 -24.74
CA ALA D 9 -11.95 28.97 -24.69
C ALA D 9 -12.54 30.15 -23.92
N GLU D 10 -11.72 30.72 -23.03
CA GLU D 10 -12.14 31.81 -22.17
C GLU D 10 -11.03 32.85 -22.10
N LEU D 11 -11.36 34.10 -22.43
CA LEU D 11 -10.38 35.14 -22.70
C LEU D 11 -9.89 35.86 -21.45
N VAL D 12 -9.91 35.20 -20.29
CA VAL D 12 -9.45 35.83 -19.05
C VAL D 12 -8.11 36.52 -19.26
N LYS D 13 -7.98 37.73 -18.73
CA LYS D 13 -6.76 38.50 -18.85
C LYS D 13 -5.75 38.01 -17.82
N PRO D 14 -4.46 38.30 -18.02
CA PRO D 14 -3.46 37.91 -17.03
C PRO D 14 -3.79 38.43 -15.64
N GLY D 15 -3.63 37.56 -14.65
CA GLY D 15 -3.98 37.87 -13.28
C GLY D 15 -5.36 37.40 -12.87
N ALA D 16 -6.24 37.12 -13.84
CA ALA D 16 -7.58 36.66 -13.53
C ALA D 16 -7.57 35.17 -13.18
N SER D 17 -8.75 34.64 -12.92
CA SER D 17 -8.87 33.24 -12.53
C SER D 17 -10.23 32.71 -12.97
N VAL D 18 -10.29 31.39 -13.15
CA VAL D 18 -11.53 30.72 -13.54
C VAL D 18 -11.36 29.22 -13.33
N LYS D 19 -12.43 28.56 -12.88
CA LYS D 19 -12.38 27.12 -12.75
C LYS D 19 -12.52 26.45 -14.11
N LEU D 20 -11.94 25.26 -14.22
CA LEU D 20 -11.87 24.54 -15.49
C LEU D 20 -12.46 23.15 -15.28
N SER D 21 -13.67 22.92 -15.80
CA SER D 21 -14.46 21.75 -15.45
C SER D 21 -14.16 20.53 -16.30
N CYS D 22 -13.31 19.63 -15.81
CA CYS D 22 -13.13 18.34 -16.48
C CYS D 22 -14.40 17.53 -16.43
N THR D 23 -14.73 16.88 -17.54
CA THR D 23 -15.96 16.10 -17.61
C THR D 23 -15.65 14.67 -18.03
N PRO D 24 -15.28 13.81 -17.09
CA PRO D 24 -15.09 12.39 -17.42
C PRO D 24 -16.38 11.77 -17.94
N SER D 25 -16.24 10.85 -18.89
CA SER D 25 -17.41 10.23 -19.51
C SER D 25 -17.03 8.82 -19.95
N GLY D 26 -18.06 8.00 -20.16
CA GLY D 26 -17.86 6.64 -20.61
C GLY D 26 -17.33 5.73 -19.51
N PHE D 27 -16.09 5.95 -19.10
CA PHE D 27 -15.50 5.20 -18.01
C PHE D 27 -16.13 5.60 -16.69
N ASN D 28 -15.98 4.73 -15.70
CA ASN D 28 -16.48 5.03 -14.37
C ASN D 28 -15.80 6.28 -13.84
N ILE D 29 -16.55 7.10 -13.10
CA ILE D 29 -15.98 8.33 -12.56
C ILE D 29 -14.84 8.02 -11.60
N LYS D 30 -15.04 7.06 -10.71
CA LYS D 30 -14.00 6.57 -9.81
C LYS D 30 -13.50 7.67 -8.87
N ASP D 31 -12.82 8.66 -9.44
CA ASP D 31 -12.33 9.86 -8.76
C ASP D 31 -11.48 9.55 -7.53
N THR D 32 -10.65 8.52 -7.57
CA THR D 32 -9.57 8.46 -6.59
C THR D 32 -8.28 9.01 -7.19
N TYR D 33 -8.12 8.88 -8.51
CA TYR D 33 -6.95 9.41 -9.20
C TYR D 33 -7.40 10.36 -10.29
N MET D 34 -6.81 11.55 -10.30
CA MET D 34 -7.08 12.59 -11.30
C MET D 34 -5.92 13.55 -11.33
N HIS D 35 -5.24 13.60 -12.48
CA HIS D 35 -4.09 14.44 -12.74
C HIS D 35 -4.54 15.53 -13.70
N TRP D 36 -3.76 16.60 -13.85
CA TRP D 36 -4.00 17.40 -15.05
C TRP D 36 -2.66 17.57 -15.74
N VAL D 37 -2.68 17.87 -17.03
CA VAL D 37 -1.47 18.12 -17.80
C VAL D 37 -1.69 19.34 -18.69
N LYS D 38 -0.62 20.08 -18.92
CA LYS D 38 -0.65 21.25 -19.79
C LYS D 38 0.71 21.42 -20.44
N GLN D 39 0.73 22.12 -21.57
CA GLN D 39 1.94 22.36 -22.34
C GLN D 39 1.92 23.75 -22.92
N ARG D 40 2.91 24.57 -22.53
CA ARG D 40 3.05 25.89 -23.12
C ARG D 40 3.34 25.76 -24.61
N PRO D 41 3.01 26.79 -25.41
CA PRO D 41 3.11 26.66 -26.87
C PRO D 41 4.44 26.12 -27.36
N GLU D 42 4.42 24.91 -27.89
CA GLU D 42 5.62 24.22 -28.36
C GLU D 42 6.66 24.07 -27.25
N GLN D 43 6.18 23.93 -26.01
CA GLN D 43 7.04 23.52 -24.91
C GLN D 43 6.96 22.01 -24.72
N GLY D 44 7.53 21.52 -23.63
CA GLY D 44 7.41 20.11 -23.28
C GLY D 44 6.23 19.86 -22.37
N LEU D 45 5.70 18.64 -22.41
CA LEU D 45 4.59 18.24 -21.55
C LEU D 45 4.94 18.36 -20.07
N GLU D 46 4.21 19.20 -19.35
CA GLU D 46 4.41 19.41 -17.93
C GLU D 46 3.20 18.85 -17.19
N TRP D 47 3.46 18.21 -16.05
CA TRP D 47 2.42 17.49 -15.32
C TRP D 47 1.95 18.35 -14.16
N ILE D 48 0.68 18.78 -14.20
CA ILE D 48 0.15 19.72 -13.20
C ILE D 48 0.15 19.08 -11.83
N GLY D 49 -0.36 17.87 -11.72
CA GLY D 49 -0.44 17.19 -10.45
C GLY D 49 -1.74 16.42 -10.36
N ARG D 50 -1.78 15.52 -9.38
CA ARG D 50 -2.90 14.59 -9.23
C ARG D 50 -3.62 14.86 -7.90
N ILE D 51 -4.77 14.19 -7.73
CA ILE D 51 -5.59 14.38 -6.53
C ILE D 51 -6.40 13.11 -6.30
N ASP D 52 -6.99 13.02 -5.11
CA ASP D 52 -7.80 11.88 -4.68
C ASP D 52 -9.18 12.37 -4.28
N PRO D 53 -10.04 12.67 -5.25
CA PRO D 53 -11.37 13.22 -4.91
C PRO D 53 -12.20 12.33 -3.98
N ALA D 54 -12.16 11.02 -4.18
CA ALA D 54 -12.95 10.12 -3.33
C ALA D 54 -12.45 10.13 -1.89
N ASN D 55 -11.14 10.11 -1.70
CA ASN D 55 -10.53 10.08 -0.38
C ASN D 55 -10.08 11.47 0.09
N GLY D 56 -10.33 12.50 -0.72
CA GLY D 56 -9.99 13.86 -0.34
C GLY D 56 -8.52 14.08 -0.06
N TYR D 57 -7.65 13.60 -0.94
CA TYR D 57 -6.21 13.71 -0.75
C TYR D 57 -5.60 14.29 -2.01
N THR D 58 -4.58 15.13 -1.83
CA THR D 58 -4.01 15.89 -2.92
C THR D 58 -2.55 15.52 -3.10
N GLU D 59 -2.16 15.21 -4.34
CA GLU D 59 -0.77 14.88 -4.67
C GLU D 59 -0.39 15.59 -5.97
N TYR D 60 0.10 16.82 -5.86
CA TYR D 60 0.56 17.52 -7.04
C TYR D 60 2.07 17.36 -7.19
N ASP D 61 2.58 17.76 -8.35
CA ASP D 61 4.01 17.83 -8.53
C ASP D 61 4.58 18.94 -7.65
N PRO D 62 5.84 18.82 -7.22
CA PRO D 62 6.44 19.88 -6.41
C PRO D 62 6.52 21.21 -7.14
N LYS D 63 6.62 21.19 -8.47
CA LYS D 63 6.82 22.43 -9.22
C LYS D 63 5.60 23.34 -9.15
N PHE D 64 4.41 22.78 -9.33
CA PHE D 64 3.19 23.57 -9.45
C PHE D 64 2.33 23.55 -8.19
N GLN D 65 2.90 23.23 -7.03
CA GLN D 65 2.11 23.19 -5.81
C GLN D 65 1.57 24.57 -5.43
N ASP D 66 2.20 25.63 -5.93
CA ASP D 66 1.71 26.98 -5.66
C ASP D 66 0.34 27.19 -6.28
N LYS D 67 0.11 26.65 -7.47
CA LYS D 67 -1.15 26.79 -8.19
C LYS D 67 -2.10 25.63 -7.91
N ALA D 68 -1.70 24.71 -7.03
CA ALA D 68 -2.42 23.47 -6.80
C ALA D 68 -3.81 23.68 -6.24
N THR D 69 -4.85 23.46 -7.05
CA THR D 69 -6.24 23.62 -6.63
C THR D 69 -7.11 22.77 -7.57
N ILE D 70 -7.83 21.80 -7.00
CA ILE D 70 -8.80 21.02 -7.76
C ILE D 70 -9.76 20.32 -6.80
N THR D 71 -11.03 20.26 -7.19
CA THR D 71 -12.04 19.49 -6.48
C THR D 71 -12.85 18.70 -7.50
N ALA D 72 -13.65 17.77 -7.00
CA ALA D 72 -14.53 16.97 -7.86
C ALA D 72 -15.69 16.45 -7.02
N ASP D 73 -16.75 16.05 -7.71
CA ASP D 73 -17.95 15.52 -7.07
C ASP D 73 -18.20 14.11 -7.59
N THR D 74 -18.48 13.18 -6.67
CA THR D 74 -18.63 11.78 -7.04
C THR D 74 -19.90 11.55 -7.87
N SER D 75 -20.97 12.27 -7.55
CA SER D 75 -22.23 12.05 -8.25
C SER D 75 -22.24 12.70 -9.63
N SER D 76 -21.57 13.84 -9.77
CA SER D 76 -21.74 14.65 -10.97
C SER D 76 -20.91 14.16 -12.14
N ASN D 77 -20.01 13.20 -11.93
CA ASN D 77 -19.11 12.72 -12.99
C ASN D 77 -18.30 13.87 -13.58
N THR D 78 -17.80 14.76 -12.72
CA THR D 78 -17.17 16.01 -13.14
C THR D 78 -16.03 16.36 -12.19
N ALA D 79 -14.94 16.87 -12.76
CA ALA D 79 -13.78 17.31 -11.99
C ALA D 79 -13.44 18.75 -12.33
N TYR D 80 -12.90 19.47 -11.35
CA TYR D 80 -12.73 20.91 -11.45
C TYR D 80 -11.35 21.31 -10.92
N LEU D 81 -10.44 21.68 -11.82
CA LEU D 81 -9.16 22.29 -11.42
C LEU D 81 -9.36 23.80 -11.30
N GLN D 82 -9.54 24.25 -10.06
CA GLN D 82 -9.48 25.68 -9.80
C GLN D 82 -8.10 26.19 -10.15
N LEU D 83 -8.03 27.39 -10.69
CA LEU D 83 -6.75 27.96 -11.10
C LEU D 83 -6.72 29.44 -10.77
N SER D 84 -5.59 29.91 -10.24
CA SER D 84 -5.46 31.28 -9.80
C SER D 84 -4.23 31.92 -10.42
N SER D 85 -4.31 33.25 -10.61
CA SER D 85 -3.22 34.04 -11.17
C SER D 85 -2.79 33.52 -12.54
N LEU D 86 -3.75 33.43 -13.45
CA LEU D 86 -3.48 32.92 -14.79
C LEU D 86 -2.56 33.85 -15.54
N THR D 87 -1.63 33.28 -16.30
CA THR D 87 -0.68 34.03 -17.11
C THR D 87 -0.72 33.50 -18.53
N SER D 88 -0.25 34.34 -19.47
CA SER D 88 -0.32 33.98 -20.89
C SER D 88 0.52 32.76 -21.19
N GLU D 89 1.55 32.49 -20.37
CA GLU D 89 2.37 31.31 -20.59
C GLU D 89 1.58 30.03 -20.31
N ASP D 90 0.55 30.12 -19.46
CA ASP D 90 -0.23 28.94 -19.15
C ASP D 90 -1.19 28.59 -20.28
N THR D 91 -1.34 29.49 -21.25
CA THR D 91 -2.22 29.24 -22.39
C THR D 91 -1.89 27.91 -23.06
N ALA D 92 -2.86 27.00 -23.08
CA ALA D 92 -2.64 25.64 -23.57
C ALA D 92 -4.00 24.98 -23.74
N VAL D 93 -3.97 23.72 -24.19
CA VAL D 93 -5.16 22.89 -24.16
C VAL D 93 -5.02 21.88 -23.01
N TYR D 94 -5.65 22.21 -21.88
CA TYR D 94 -5.47 21.44 -20.66
C TYR D 94 -6.25 20.13 -20.71
N TYR D 95 -5.53 19.02 -20.83
CA TYR D 95 -6.12 17.70 -20.75
C TYR D 95 -6.32 17.34 -19.29
N CYS D 96 -7.52 16.87 -18.91
CA CYS D 96 -7.71 16.50 -17.52
C CYS D 96 -7.22 15.08 -17.28
N ALA D 97 -5.92 14.94 -17.05
CA ALA D 97 -5.24 13.64 -17.02
C ALA D 97 -5.70 12.75 -15.87
N ASP D 98 -5.29 11.49 -15.89
CA ASP D 98 -5.32 10.63 -14.72
C ASP D 98 -4.63 9.32 -15.01
N THR D 99 -3.96 8.78 -13.99
CA THR D 99 -3.45 7.43 -14.07
C THR D 99 -4.62 6.45 -14.21
N GLN D 100 -4.29 5.19 -14.50
CA GLN D 100 -5.25 4.11 -14.75
C GLN D 100 -5.86 4.28 -16.14
N LEU D 101 -5.62 5.43 -16.78
CA LEU D 101 -6.10 5.67 -18.13
C LEU D 101 -4.98 6.11 -19.07
N TYR D 102 -4.14 7.05 -18.66
CA TYR D 102 -2.98 7.49 -19.44
C TYR D 102 -3.39 7.97 -20.83
N TYR D 103 -4.62 8.42 -20.97
CA TYR D 103 -5.15 8.93 -22.23
C TYR D 103 -5.74 10.31 -21.99
N TRP D 104 -5.58 11.19 -22.97
CA TRP D 104 -5.97 12.59 -22.82
C TRP D 104 -6.94 13.00 -23.92
N GLY D 105 -7.81 13.95 -23.59
CA GLY D 105 -8.87 14.38 -24.47
C GLY D 105 -8.50 15.60 -25.29
N GLN D 106 -9.52 16.38 -25.63
CA GLN D 106 -9.35 17.52 -26.51
C GLN D 106 -8.53 18.64 -25.88
N GLY D 107 -8.43 18.68 -24.56
CA GLY D 107 -7.63 19.70 -23.90
C GLY D 107 -8.38 21.00 -23.70
N THR D 108 -8.33 21.54 -22.48
CA THR D 108 -9.04 22.77 -22.16
C THR D 108 -8.29 23.91 -22.85
N THR D 109 -8.84 24.35 -23.97
CA THR D 109 -8.18 25.42 -24.70
C THR D 109 -8.12 26.67 -23.82
N LEU D 110 -6.94 26.95 -23.27
CA LEU D 110 -6.78 28.14 -22.46
C LEU D 110 -6.58 29.34 -23.36
N THR D 111 -7.11 30.47 -22.95
CA THR D 111 -7.18 31.64 -23.81
C THR D 111 -6.78 32.88 -23.03
N VAL D 112 -5.68 32.78 -22.28
CA VAL D 112 -5.17 33.93 -21.55
C VAL D 112 -4.65 34.93 -22.57
N SER D 113 -5.40 36.00 -22.78
CA SER D 113 -5.12 36.99 -23.81
C SER D 113 -5.01 38.38 -23.20
N SER D 114 -4.13 39.19 -23.77
CA SER D 114 -3.97 40.58 -23.36
C SER D 114 -4.77 41.54 -24.24
N ALA D 115 -4.82 41.28 -25.55
CA ALA D 115 -5.57 42.13 -26.46
C ALA D 115 -7.06 41.79 -26.42
N SER D 116 -7.85 42.45 -27.26
CA SER D 116 -9.28 42.23 -27.34
C SER D 116 -9.57 40.98 -28.15
N VAL D 117 -10.79 40.47 -27.99
CA VAL D 117 -11.22 39.30 -28.73
C VAL D 117 -11.75 39.77 -30.08
N ALA D 118 -10.84 39.95 -31.04
CA ALA D 118 -11.19 40.56 -32.31
C ALA D 118 -11.53 39.49 -33.34
N ALA D 119 -12.11 39.94 -34.45
CA ALA D 119 -12.49 39.07 -35.55
C ALA D 119 -11.45 39.14 -36.65
N PRO D 120 -11.25 38.04 -37.38
CA PRO D 120 -10.23 38.04 -38.44
C PRO D 120 -10.71 38.77 -39.68
N SER D 121 -9.77 39.33 -40.43
CA SER D 121 -10.07 39.92 -41.73
C SER D 121 -9.78 38.88 -42.81
N VAL D 122 -10.82 38.49 -43.54
CA VAL D 122 -10.75 37.33 -44.43
C VAL D 122 -10.62 37.81 -45.86
N PHE D 123 -9.71 37.19 -46.61
CA PHE D 123 -9.56 37.48 -48.03
C PHE D 123 -9.29 36.20 -48.79
N ILE D 124 -9.69 36.18 -50.07
CA ILE D 124 -9.46 35.06 -50.95
C ILE D 124 -8.57 35.52 -52.09
N PHE D 125 -7.59 34.69 -52.45
CA PHE D 125 -6.67 34.96 -53.55
C PHE D 125 -6.84 33.88 -54.61
N PRO D 126 -7.43 34.17 -55.77
CA PRO D 126 -7.48 33.19 -56.84
C PRO D 126 -6.09 32.98 -57.42
N PRO D 127 -5.80 31.78 -57.94
CA PRO D 127 -4.45 31.49 -58.42
C PRO D 127 -4.13 32.28 -59.68
N SER D 128 -2.83 32.54 -59.88
CA SER D 128 -2.38 33.30 -61.04
C SER D 128 -2.52 32.46 -62.30
N ASP D 129 -2.76 33.12 -63.43
CA ASP D 129 -2.97 32.41 -64.68
C ASP D 129 -1.70 31.70 -65.14
N GLU D 130 -0.53 32.30 -64.90
CA GLU D 130 0.71 31.60 -65.22
C GLU D 130 0.90 30.38 -64.33
N GLN D 131 0.40 30.45 -63.08
CA GLN D 131 0.40 29.28 -62.21
C GLN D 131 -0.45 28.16 -62.80
N LEU D 132 -1.61 28.50 -63.37
CA LEU D 132 -2.40 27.51 -64.08
C LEU D 132 -1.65 26.97 -65.29
N LYS D 133 -0.95 27.83 -66.03
CA LYS D 133 -0.12 27.37 -67.13
C LYS D 133 0.96 26.42 -66.67
N SER D 134 1.44 26.55 -65.43
CA SER D 134 2.44 25.66 -64.87
C SER D 134 1.90 24.26 -64.59
N GLY D 135 0.59 24.07 -64.63
CA GLY D 135 0.00 22.77 -64.42
C GLY D 135 -0.53 22.50 -63.02
N THR D 136 -0.32 23.42 -62.08
CA THR D 136 -0.80 23.25 -60.73
C THR D 136 -1.69 24.43 -60.35
N ALA D 137 -2.47 24.25 -59.28
CA ALA D 137 -3.39 25.27 -58.80
C ALA D 137 -3.07 25.57 -57.34
N SER D 138 -3.14 26.84 -56.97
CA SER D 138 -2.83 27.28 -55.62
C SER D 138 -3.80 28.40 -55.23
N VAL D 139 -4.79 28.07 -54.41
CA VAL D 139 -5.73 29.06 -53.89
C VAL D 139 -5.28 29.44 -52.48
N VAL D 140 -5.38 30.73 -52.17
CA VAL D 140 -4.89 31.27 -50.92
C VAL D 140 -6.03 31.98 -50.20
N CYS D 141 -6.25 31.64 -48.94
CA CYS D 141 -7.21 32.31 -48.08
C CYS D 141 -6.42 33.04 -46.99
N LEU D 142 -6.74 34.30 -46.78
CA LEU D 142 -5.98 35.17 -45.88
C LEU D 142 -6.82 35.52 -44.67
N LEU D 143 -6.21 35.46 -43.49
CA LEU D 143 -6.80 35.95 -42.26
C LEU D 143 -5.88 37.02 -41.69
N ASN D 144 -6.41 38.23 -41.49
CA ASN D 144 -5.60 39.38 -41.13
C ASN D 144 -5.99 39.94 -39.77
N ASN D 145 -4.99 40.05 -38.89
CA ASN D 145 -5.11 40.77 -37.61
C ASN D 145 -6.25 40.21 -36.75
N PHE D 146 -6.07 38.96 -36.34
CA PHE D 146 -6.99 38.32 -35.41
C PHE D 146 -6.24 37.89 -34.16
N TYR D 147 -6.99 37.53 -33.13
CA TYR D 147 -6.45 37.08 -31.86
C TYR D 147 -7.49 36.25 -31.12
N PRO D 148 -7.09 35.19 -30.42
CA PRO D 148 -5.72 34.66 -30.32
C PRO D 148 -5.38 33.67 -31.42
N ARG D 149 -4.38 32.80 -31.21
CA ARG D 149 -4.00 31.83 -32.22
C ARG D 149 -5.19 31.01 -32.70
N GLU D 150 -6.04 30.57 -31.77
CA GLU D 150 -6.99 29.51 -32.06
C GLU D 150 -8.01 29.91 -33.12
N ALA D 151 -7.89 29.32 -34.30
CA ALA D 151 -8.84 29.51 -35.39
C ALA D 151 -8.89 28.26 -36.23
N LYS D 152 -10.06 27.98 -36.79
CA LYS D 152 -10.28 26.84 -37.67
C LYS D 152 -10.38 27.32 -39.10
N VAL D 153 -9.59 26.71 -39.98
CA VAL D 153 -9.63 27.00 -41.41
C VAL D 153 -9.85 25.68 -42.15
N GLN D 154 -10.85 25.66 -43.02
CA GLN D 154 -11.17 24.47 -43.80
C GLN D 154 -11.78 24.90 -45.13
N TRP D 155 -11.85 23.97 -46.07
CA TRP D 155 -12.20 24.27 -47.45
C TRP D 155 -13.52 23.62 -47.83
N LYS D 156 -14.30 24.34 -48.62
CA LYS D 156 -15.56 23.84 -49.16
C LYS D 156 -15.49 23.91 -50.68
N VAL D 157 -15.27 22.76 -51.31
CA VAL D 157 -15.29 22.65 -52.77
C VAL D 157 -16.51 21.82 -53.14
N ASP D 158 -17.32 22.34 -54.07
CA ASP D 158 -18.65 21.79 -54.35
C ASP D 158 -19.48 21.69 -53.07
N ASN D 159 -19.25 22.62 -52.14
CA ASN D 159 -19.82 22.64 -50.80
C ASN D 159 -19.47 21.39 -50.00
N ALA D 160 -18.34 20.75 -50.31
CA ALA D 160 -17.88 19.57 -49.59
C ALA D 160 -16.56 19.86 -48.88
N LEU D 161 -16.42 19.33 -47.67
CA LEU D 161 -15.21 19.54 -46.88
C LEU D 161 -14.01 18.89 -47.55
N GLN D 162 -12.87 19.56 -47.50
CA GLN D 162 -11.62 19.06 -48.07
C GLN D 162 -10.60 18.84 -46.97
N SER D 163 -9.93 17.68 -47.03
CA SER D 163 -8.91 17.31 -46.06
C SER D 163 -7.79 16.56 -46.75
N GLY D 164 -6.60 16.60 -46.16
CA GLY D 164 -5.45 15.90 -46.71
C GLY D 164 -4.73 16.63 -47.82
N ASN D 165 -5.14 17.86 -48.15
CA ASN D 165 -4.50 18.64 -49.20
C ASN D 165 -4.14 20.05 -48.80
N SER D 166 -4.17 20.38 -47.51
CA SER D 166 -3.97 21.74 -47.04
C SER D 166 -2.63 21.90 -46.35
N GLN D 167 -2.21 23.15 -46.20
CA GLN D 167 -0.96 23.49 -45.51
C GLN D 167 -1.04 24.96 -45.10
N GLU D 168 -0.63 25.24 -43.85
CA GLU D 168 -0.88 26.53 -43.24
C GLU D 168 0.36 27.04 -42.55
N SER D 169 0.40 28.36 -42.34
CA SER D 169 1.45 29.03 -41.59
C SER D 169 0.87 30.30 -40.98
N VAL D 170 1.50 30.78 -39.92
CA VAL D 170 1.01 31.94 -39.18
C VAL D 170 2.19 32.87 -38.89
N THR D 171 1.88 34.14 -38.63
CA THR D 171 2.86 35.15 -38.27
C THR D 171 2.51 35.80 -36.95
N GLU D 172 3.52 36.40 -36.32
CA GLU D 172 3.36 37.15 -35.09
C GLU D 172 3.75 38.60 -35.31
N GLN D 173 2.85 39.50 -34.93
CA GLN D 173 3.08 40.95 -35.06
C GLN D 173 2.98 41.54 -33.65
N ASP D 174 4.09 41.50 -32.92
CA ASP D 174 4.09 41.99 -31.54
C ASP D 174 4.35 43.49 -31.45
N SER D 175 4.55 44.16 -32.59
CA SER D 175 4.94 45.57 -32.56
C SER D 175 3.79 46.46 -32.07
N LYS D 176 2.75 46.59 -32.89
CA LYS D 176 1.67 47.52 -32.55
C LYS D 176 0.36 46.80 -32.29
N ASP D 177 -0.06 45.95 -33.23
CA ASP D 177 -1.37 45.31 -33.12
C ASP D 177 -1.38 44.23 -32.04
N SER D 178 -0.27 43.52 -31.88
CA SER D 178 -0.18 42.35 -31.01
C SER D 178 -1.17 41.28 -31.46
N THR D 179 -1.55 41.33 -32.74
CA THR D 179 -2.50 40.42 -33.33
C THR D 179 -1.76 39.35 -34.12
N TYR D 180 -2.51 38.49 -34.78
CA TYR D 180 -1.96 37.28 -35.37
C TYR D 180 -2.53 37.12 -36.78
N SER D 181 -1.69 36.65 -37.70
CA SER D 181 -2.07 36.52 -39.10
C SER D 181 -1.73 35.13 -39.61
N LEU D 182 -2.71 34.51 -40.28
CA LEU D 182 -2.56 33.14 -40.79
C LEU D 182 -2.60 33.16 -42.31
N SER D 183 -1.75 32.36 -42.93
CA SER D 183 -1.67 32.22 -44.38
C SER D 183 -1.89 30.77 -44.75
N SER D 184 -3.05 30.47 -45.32
CA SER D 184 -3.43 29.10 -45.63
C SER D 184 -3.50 28.93 -47.14
N THR D 185 -2.79 27.94 -47.66
CA THR D 185 -2.77 27.63 -49.09
C THR D 185 -3.33 26.23 -49.31
N LEU D 186 -4.16 26.09 -50.34
CA LEU D 186 -4.78 24.83 -50.70
C LEU D 186 -4.38 24.50 -52.13
N THR D 187 -3.82 23.31 -52.34
CA THR D 187 -3.21 22.92 -53.60
C THR D 187 -4.03 21.85 -54.29
N LEU D 188 -4.35 22.07 -55.56
CA LEU D 188 -5.05 21.10 -56.40
C LEU D 188 -4.38 21.02 -57.76
N SER D 189 -4.83 20.06 -58.56
CA SER D 189 -4.38 19.94 -59.93
C SER D 189 -5.33 20.69 -60.87
N LYS D 190 -4.87 20.90 -62.11
CA LYS D 190 -5.66 21.64 -63.09
C LYS D 190 -6.97 20.93 -63.40
N ALA D 191 -6.92 19.62 -63.61
CA ALA D 191 -8.12 18.89 -63.98
C ALA D 191 -9.22 19.06 -62.93
N ASP D 192 -8.88 18.77 -61.67
CA ASP D 192 -9.82 19.04 -60.58
C ASP D 192 -10.17 20.52 -60.52
N TYR D 193 -9.22 21.39 -60.89
CA TYR D 193 -9.45 22.82 -60.76
C TYR D 193 -10.59 23.28 -61.65
N GLU D 194 -10.63 22.83 -62.91
CA GLU D 194 -11.72 23.30 -63.77
C GLU D 194 -12.95 22.41 -63.64
N LYS D 195 -12.77 21.17 -63.17
CA LYS D 195 -13.95 20.31 -63.05
C LYS D 195 -14.77 20.64 -61.81
N HIS D 196 -14.15 21.20 -60.77
CA HIS D 196 -14.88 21.43 -59.52
C HIS D 196 -15.81 22.64 -59.62
N LYS D 197 -15.38 23.69 -60.30
CA LYS D 197 -16.18 24.82 -60.77
C LYS D 197 -16.59 25.78 -59.65
N VAL D 198 -16.30 25.47 -58.39
CA VAL D 198 -16.64 26.37 -57.29
C VAL D 198 -15.71 26.10 -56.12
N TYR D 199 -15.41 27.15 -55.35
CA TYR D 199 -14.49 27.08 -54.23
C TYR D 199 -14.89 28.08 -53.16
N ALA D 200 -14.55 27.79 -51.91
CA ALA D 200 -14.87 28.68 -50.80
C ALA D 200 -13.91 28.42 -49.64
N CYS D 201 -13.75 29.44 -48.80
CA CYS D 201 -12.94 29.36 -47.60
C CYS D 201 -13.78 29.80 -46.41
N GLU D 202 -13.88 28.95 -45.39
CA GLU D 202 -14.64 29.23 -44.19
C GLU D 202 -13.71 29.19 -42.98
N VAL D 203 -13.87 30.17 -42.09
CA VAL D 203 -12.96 30.34 -40.96
C VAL D 203 -13.78 30.47 -39.68
N THR D 204 -13.37 29.74 -38.64
CA THR D 204 -14.01 29.78 -37.34
C THR D 204 -13.04 30.37 -36.32
N HIS D 205 -13.54 31.31 -35.52
CA HIS D 205 -12.70 31.95 -34.51
C HIS D 205 -13.58 32.30 -33.31
N GLN D 206 -12.92 32.57 -32.19
CA GLN D 206 -13.65 32.99 -30.99
C GLN D 206 -14.19 34.41 -31.15
N GLY D 207 -13.51 35.25 -31.92
CA GLY D 207 -13.81 36.66 -32.00
C GLY D 207 -15.01 37.07 -32.81
N LEU D 208 -15.67 36.12 -33.47
CA LEU D 208 -16.81 36.44 -34.31
C LEU D 208 -17.98 35.53 -33.95
N SER D 209 -19.20 36.07 -34.10
CA SER D 209 -20.40 35.39 -33.64
C SER D 209 -20.64 34.08 -34.38
N SER D 210 -20.48 34.07 -35.70
CA SER D 210 -20.71 32.87 -36.49
C SER D 210 -19.59 32.76 -37.51
N PRO D 211 -19.22 31.54 -37.91
CA PRO D 211 -18.22 31.38 -38.97
C PRO D 211 -18.66 32.03 -40.27
N VAL D 212 -17.73 32.67 -40.98
CA VAL D 212 -18.02 33.32 -42.25
C VAL D 212 -17.44 32.49 -43.38
N THR D 213 -18.22 32.32 -44.43
CA THR D 213 -17.81 31.63 -45.64
C THR D 213 -17.89 32.60 -46.81
N LYS D 214 -16.75 32.89 -47.44
CA LYS D 214 -16.69 33.82 -48.55
C LYS D 214 -15.95 33.17 -49.71
N SER D 215 -16.61 33.10 -50.87
CA SER D 215 -16.19 32.26 -51.97
C SER D 215 -15.77 33.08 -53.18
N PHE D 216 -15.09 32.41 -54.11
CA PHE D 216 -14.72 33.01 -55.38
C PHE D 216 -14.85 31.97 -56.48
N ASN D 217 -15.09 32.46 -57.70
CA ASN D 217 -15.25 31.62 -58.87
C ASN D 217 -14.79 32.39 -60.09
N ARG D 218 -14.49 31.65 -61.16
CA ARG D 218 -14.00 32.25 -62.39
C ARG D 218 -15.11 33.08 -63.05
N GLY D 219 -14.76 34.27 -63.52
CA GLY D 219 -15.72 35.16 -64.13
C GLY D 219 -15.59 36.59 -63.64
N GLN E 1 13.62 12.62 -6.00
CA GLN E 1 14.38 13.01 -7.18
C GLN E 1 13.74 12.45 -8.46
N ILE E 2 13.49 13.33 -9.42
CA ILE E 2 12.86 12.96 -10.68
C ILE E 2 13.51 13.78 -11.81
N VAL E 3 14.18 13.10 -12.73
CA VAL E 3 14.82 13.75 -13.86
C VAL E 3 14.64 12.91 -15.12
N LEU E 4 14.17 13.54 -16.19
CA LEU E 4 14.11 12.92 -17.50
C LEU E 4 14.68 13.87 -18.54
N THR E 5 15.70 13.40 -19.27
CA THR E 5 16.41 14.22 -20.25
C THR E 5 16.59 13.41 -21.52
N GLN E 6 16.03 13.90 -22.63
CA GLN E 6 16.13 13.17 -23.89
C GLN E 6 17.56 13.20 -24.42
N SER E 7 17.84 12.27 -25.33
CA SER E 7 19.12 12.12 -26.00
C SER E 7 18.77 12.25 -27.48
N PRO E 8 19.73 12.09 -28.45
CA PRO E 8 19.94 13.18 -29.42
C PRO E 8 18.70 13.99 -29.74
N ALA E 9 18.81 15.30 -29.53
CA ALA E 9 17.62 16.15 -29.44
C ALA E 9 16.89 16.25 -30.77
N ILE E 10 17.62 16.46 -31.86
CA ILE E 10 17.02 16.63 -33.17
C ILE E 10 17.44 15.46 -34.05
N MET E 11 16.43 14.75 -34.56
CA MET E 11 16.64 13.74 -35.58
C MET E 11 16.11 14.25 -36.91
N SER E 12 16.97 14.28 -37.92
CA SER E 12 16.56 14.58 -39.29
C SER E 12 17.07 13.44 -40.16
N ALA E 13 16.14 12.65 -40.71
CA ALA E 13 16.51 11.48 -41.50
C ALA E 13 15.57 11.36 -42.68
N SER E 14 16.04 10.70 -43.73
CA SER E 14 15.23 10.47 -44.92
C SER E 14 14.51 9.11 -44.79
N LEU E 15 13.60 8.85 -45.72
CA LEU E 15 12.84 7.61 -45.71
C LEU E 15 13.77 6.41 -45.76
N GLY E 16 13.66 5.54 -44.76
CA GLY E 16 14.46 4.33 -44.74
C GLY E 16 15.41 4.21 -43.56
N GLU E 17 16.06 5.31 -43.17
CA GLU E 17 17.05 5.28 -42.11
C GLU E 17 16.38 4.98 -40.77
N ARG E 18 17.12 4.26 -39.92
CA ARG E 18 16.59 3.81 -38.64
C ARG E 18 16.56 4.96 -37.63
N VAL E 19 16.20 4.64 -36.39
CA VAL E 19 15.89 5.63 -35.36
C VAL E 19 16.77 5.36 -34.14
N THR E 20 17.30 6.43 -33.56
CA THR E 20 18.13 6.36 -32.36
C THR E 20 17.68 7.42 -31.36
N MET E 21 17.17 6.99 -30.20
CA MET E 21 16.62 7.90 -29.22
C MET E 21 16.94 7.35 -27.83
N THR E 22 16.94 8.24 -26.84
CA THR E 22 17.31 7.83 -25.48
C THR E 22 16.90 8.90 -24.48
N CYS E 23 16.56 8.44 -23.27
CA CYS E 23 16.41 9.35 -22.13
C CYS E 23 17.30 8.82 -21.00
N THR E 24 18.19 9.67 -20.50
CA THR E 24 18.93 9.35 -19.30
C THR E 24 17.99 9.37 -18.10
N ALA E 25 18.05 8.31 -17.30
CA ALA E 25 17.12 8.15 -16.19
C ALA E 25 17.90 7.69 -14.97
N SER E 26 17.32 7.95 -13.79
CA SER E 26 17.97 7.61 -12.52
C SER E 26 17.49 6.24 -12.10
N SER E 27 16.18 5.97 -12.08
CA SER E 27 15.71 4.75 -11.44
C SER E 27 14.92 3.84 -12.38
N SER E 28 14.42 4.37 -13.49
CA SER E 28 13.35 3.62 -14.14
C SER E 28 13.51 3.49 -15.65
N VAL E 29 14.28 2.48 -16.06
CA VAL E 29 13.99 1.88 -17.36
C VAL E 29 14.04 0.35 -17.33
N SER E 30 14.85 -0.21 -16.43
CA SER E 30 15.11 -1.64 -16.52
C SER E 30 14.17 -2.45 -15.65
N SER E 31 14.21 -2.22 -14.33
CA SER E 31 13.30 -2.91 -13.42
C SER E 31 12.04 -2.07 -13.25
N THR E 32 12.21 -0.85 -12.75
CA THR E 32 11.10 0.08 -12.65
C THR E 32 10.78 0.66 -14.03
N TYR E 33 9.49 0.70 -14.36
CA TYR E 33 9.03 0.88 -15.73
C TYR E 33 8.75 2.34 -16.06
N LEU E 34 8.83 2.67 -17.35
CA LEU E 34 8.50 3.99 -17.86
C LEU E 34 7.53 3.84 -19.04
N HIS E 35 7.42 4.89 -19.86
CA HIS E 35 6.51 4.84 -20.99
C HIS E 35 7.13 5.60 -22.16
N TRP E 36 6.86 5.14 -23.38
CA TRP E 36 7.04 5.97 -24.56
C TRP E 36 5.78 6.76 -24.83
N TYR E 37 5.93 7.94 -25.43
CA TYR E 37 4.79 8.75 -25.80
C TYR E 37 5.06 9.42 -27.15
N GLN E 38 4.01 10.01 -27.72
CA GLN E 38 4.12 10.73 -28.98
C GLN E 38 3.03 11.77 -29.06
N GLN E 39 3.39 13.00 -29.43
CA GLN E 39 2.43 14.07 -29.66
C GLN E 39 2.67 14.69 -31.02
N LYS E 40 1.63 14.69 -31.84
CA LYS E 40 1.64 15.45 -33.09
C LYS E 40 1.49 16.93 -32.77
N PRO E 41 1.88 17.81 -33.69
CA PRO E 41 1.86 19.25 -33.39
C PRO E 41 0.48 19.74 -32.98
N GLY E 42 0.39 20.28 -31.76
CA GLY E 42 -0.83 20.85 -31.24
C GLY E 42 -2.01 19.90 -31.18
N SER E 43 -1.92 18.86 -30.36
CA SER E 43 -3.00 17.89 -30.19
C SER E 43 -2.74 17.08 -28.94
N SER E 44 -3.54 16.05 -28.75
CA SER E 44 -3.44 15.21 -27.55
C SER E 44 -2.38 14.13 -27.73
N PRO E 45 -1.40 14.03 -26.83
CA PRO E 45 -0.38 12.98 -26.94
C PRO E 45 -0.99 11.60 -26.79
N LYS E 46 -0.18 10.59 -27.11
CA LYS E 46 -0.63 9.20 -27.11
C LYS E 46 0.48 8.27 -26.64
N LEU E 47 0.06 7.13 -26.11
CA LEU E 47 0.93 6.10 -25.56
C LEU E 47 1.33 5.11 -26.65
N TRP E 48 2.63 5.03 -26.96
CA TRP E 48 3.09 4.00 -27.87
C TRP E 48 3.59 2.76 -27.15
N ILE E 49 4.64 2.90 -26.33
CA ILE E 49 5.19 1.74 -25.66
C ILE E 49 4.89 1.81 -24.18
N TYR E 50 4.49 0.67 -23.61
CA TYR E 50 3.85 0.62 -22.30
C TYR E 50 4.67 -0.07 -21.23
N SER E 51 5.27 -1.23 -21.52
CA SER E 51 6.10 -1.96 -20.57
C SER E 51 7.55 -1.98 -21.05
N THR E 52 7.97 -0.84 -21.62
CA THR E 52 9.31 -0.57 -22.12
C THR E 52 9.66 -1.46 -23.30
N SER E 53 8.80 -2.43 -23.60
CA SER E 53 8.92 -3.24 -24.81
C SER E 53 7.54 -3.48 -25.40
N ASN E 54 6.51 -3.21 -24.61
CA ASN E 54 5.12 -3.51 -24.99
C ASN E 54 4.55 -2.31 -25.74
N LEU E 55 4.41 -2.47 -27.05
CA LEU E 55 3.85 -1.43 -27.89
C LEU E 55 2.35 -1.31 -27.64
N ALA E 56 1.78 -0.18 -28.08
CA ALA E 56 0.35 0.07 -27.92
C ALA E 56 -0.46 -1.00 -28.63
N SER E 57 -1.62 -1.32 -28.06
CA SER E 57 -2.46 -2.38 -28.63
C SER E 57 -2.96 -1.99 -30.02
N GLY E 58 -2.81 -2.93 -30.95
CA GLY E 58 -3.31 -2.75 -32.30
C GLY E 58 -2.65 -1.63 -33.07
N VAL E 59 -1.37 -1.78 -33.40
CA VAL E 59 -0.64 -0.75 -34.12
C VAL E 59 0.55 -1.43 -34.82
N PRO E 60 1.02 -0.90 -35.96
CA PRO E 60 2.21 -1.49 -36.60
C PRO E 60 3.41 -1.48 -35.67
N ALA E 61 4.21 -2.54 -35.76
CA ALA E 61 5.32 -2.77 -34.85
C ALA E 61 6.66 -2.24 -35.37
N ARG E 62 6.65 -1.18 -36.17
CA ARG E 62 7.91 -0.61 -36.64
C ARG E 62 8.71 0.02 -35.49
N PHE E 63 8.03 0.35 -34.40
CA PHE E 63 8.68 0.95 -33.23
C PHE E 63 9.48 -0.10 -32.46
N SER E 64 10.63 -0.50 -32.99
CA SER E 64 11.46 -1.52 -32.36
C SER E 64 12.35 -0.90 -31.28
N GLY E 65 11.69 -0.32 -30.26
CA GLY E 65 12.41 0.30 -29.18
C GLY E 65 12.19 -0.37 -27.83
N SER E 66 13.24 -1.00 -27.30
CA SER E 66 13.13 -1.70 -26.03
C SER E 66 14.37 -1.48 -25.15
N GLY E 67 14.83 -0.24 -25.03
CA GLY E 67 16.02 0.03 -24.26
C GLY E 67 15.83 -0.25 -22.78
N SER E 68 16.96 -0.38 -22.09
CA SER E 68 16.97 -0.74 -20.68
C SER E 68 18.20 -0.14 -20.00
N GLY E 69 18.40 -0.51 -18.72
CA GLY E 69 19.54 -0.05 -17.95
C GLY E 69 19.25 1.22 -17.17
N THR E 70 19.85 2.33 -17.59
CA THR E 70 19.43 3.66 -17.16
C THR E 70 19.21 4.57 -18.36
N SER E 71 19.14 4.01 -19.57
CA SER E 71 19.00 4.80 -20.79
C SER E 71 18.38 3.89 -21.85
N TYR E 72 17.16 4.22 -22.27
CA TYR E 72 16.40 3.36 -23.16
C TYR E 72 16.45 3.86 -24.59
N SER E 73 15.70 3.25 -25.50
CA SER E 73 15.92 3.54 -26.91
C SER E 73 14.67 3.27 -27.73
N LEU E 74 14.64 3.88 -28.92
CA LEU E 74 13.67 3.57 -29.96
C LEU E 74 14.42 3.33 -31.26
N THR E 75 13.88 2.43 -32.08
CA THR E 75 14.43 2.15 -33.39
C THR E 75 13.30 1.83 -34.34
N ILE E 76 13.43 2.28 -35.59
CA ILE E 76 12.35 2.13 -36.54
C ILE E 76 12.92 1.79 -37.92
N SER E 77 12.48 0.68 -38.50
CA SER E 77 12.91 0.33 -39.85
C SER E 77 12.05 1.06 -40.87
N ASN E 78 12.70 1.73 -41.82
CA ASN E 78 12.02 2.47 -42.88
C ASN E 78 11.08 3.52 -42.31
N MET E 79 11.65 4.55 -41.67
CA MET E 79 10.89 5.61 -41.02
C MET E 79 9.86 6.22 -41.96
N GLU E 80 8.59 6.12 -41.57
CA GLU E 80 7.47 6.57 -42.39
C GLU E 80 7.28 8.08 -42.24
N ALA E 81 6.17 8.60 -42.77
CA ALA E 81 5.89 10.03 -42.67
C ALA E 81 5.23 10.35 -41.34
N GLU E 82 4.26 9.53 -40.92
CA GLU E 82 3.64 9.70 -39.61
C GLU E 82 4.68 9.58 -38.50
N ASP E 83 5.72 8.79 -38.76
CA ASP E 83 6.76 8.56 -37.76
C ASP E 83 7.42 9.86 -37.33
N ALA E 84 7.45 10.85 -38.21
CA ALA E 84 7.98 12.16 -37.89
C ALA E 84 7.15 12.80 -36.79
N ALA E 85 7.71 12.90 -35.58
CA ALA E 85 6.99 13.47 -34.45
C ALA E 85 7.92 13.72 -33.28
N THR E 86 7.35 14.08 -32.12
CA THR E 86 8.10 14.19 -30.88
C THR E 86 7.77 12.96 -30.01
N TYR E 87 8.65 12.68 -29.07
CA TYR E 87 8.54 11.45 -28.27
C TYR E 87 9.05 11.71 -26.86
N TYR E 88 8.54 10.93 -25.90
CA TYR E 88 8.63 11.29 -24.49
C TYR E 88 9.01 10.09 -23.64
N CYS E 89 9.71 10.36 -22.53
CA CYS E 89 10.11 9.34 -21.56
C CYS E 89 9.38 9.57 -20.25
N HIS E 90 8.67 8.55 -19.78
CA HIS E 90 7.96 8.64 -18.52
C HIS E 90 8.85 8.15 -17.38
N GLN E 91 8.38 8.29 -16.15
CA GLN E 91 9.10 7.72 -15.01
C GLN E 91 8.13 7.13 -13.98
N TYR E 92 7.14 6.37 -14.44
CA TYR E 92 6.16 5.78 -13.54
C TYR E 92 6.82 4.82 -12.56
N HIS E 93 6.03 4.28 -11.64
CA HIS E 93 6.51 3.50 -10.50
C HIS E 93 7.35 4.41 -9.60
N ARG E 94 6.90 5.66 -9.46
CA ARG E 94 7.54 6.62 -8.57
C ARG E 94 6.44 7.51 -8.02
N SER E 95 6.76 8.19 -6.90
CA SER E 95 5.74 9.00 -6.23
C SER E 95 5.26 10.17 -7.08
N PRO E 96 6.14 11.04 -7.63
CA PRO E 96 5.63 12.11 -8.49
C PRO E 96 5.62 11.73 -9.96
N LEU E 97 4.48 11.87 -10.63
CA LEU E 97 4.39 11.61 -12.05
C LEU E 97 5.20 12.65 -12.82
N THR E 98 5.88 12.21 -13.88
CA THR E 98 6.70 13.11 -14.67
C THR E 98 6.76 12.61 -16.10
N PHE E 99 7.10 13.50 -17.03
CA PHE E 99 7.12 13.22 -18.46
C PHE E 99 8.47 13.63 -19.06
N GLY E 100 8.63 13.33 -20.35
CA GLY E 100 9.87 13.57 -21.06
C GLY E 100 10.07 14.99 -21.55
N ALA E 101 10.84 15.15 -22.64
CA ALA E 101 11.13 16.48 -23.15
C ALA E 101 11.07 16.57 -24.66
N GLY E 102 10.67 15.52 -25.36
CA GLY E 102 10.46 15.58 -26.79
C GLY E 102 11.72 15.33 -27.61
N THR E 103 11.51 14.68 -28.74
CA THR E 103 12.59 14.43 -29.71
C THR E 103 11.99 14.63 -31.10
N LYS E 104 12.29 15.78 -31.71
CA LYS E 104 11.72 16.15 -32.99
C LYS E 104 12.31 15.34 -34.14
N LEU E 105 11.46 14.52 -34.77
CA LEU E 105 11.88 13.70 -35.91
C LEU E 105 11.58 14.43 -37.21
N GLU E 106 12.50 15.32 -37.59
CA GLU E 106 12.37 16.03 -38.86
C GLU E 106 12.60 15.06 -40.01
N LEU E 107 11.76 15.16 -41.04
CA LEU E 107 11.82 14.26 -42.18
C LEU E 107 12.69 14.89 -43.26
N LYS E 108 13.91 14.38 -43.42
CA LYS E 108 14.81 14.86 -44.45
C LYS E 108 14.27 14.50 -45.83
N SER E 109 14.54 15.37 -46.81
CA SER E 109 14.07 15.17 -48.17
C SER E 109 15.18 15.20 -49.21
N SER E 110 16.40 15.58 -48.83
CA SER E 110 17.54 15.65 -49.74
C SER E 110 17.23 16.52 -50.95
N ALA E 111 16.93 17.79 -50.71
CA ALA E 111 16.56 18.72 -51.77
C ALA E 111 17.80 19.30 -52.44
N SER E 112 17.57 19.91 -53.60
CA SER E 112 18.61 20.57 -54.38
C SER E 112 18.32 22.07 -54.46
N THR E 113 19.39 22.85 -54.56
CA THR E 113 19.24 24.30 -54.63
C THR E 113 18.45 24.69 -55.87
N LYS E 114 17.48 25.58 -55.69
CA LYS E 114 16.62 26.01 -56.78
C LYS E 114 16.11 27.42 -56.47
N GLY E 115 16.05 28.26 -57.49
CA GLY E 115 15.58 29.61 -57.34
C GLY E 115 14.09 29.67 -57.05
N PRO E 116 13.62 30.83 -56.59
CA PRO E 116 12.20 30.97 -56.26
C PRO E 116 11.36 31.25 -57.50
N SER E 117 10.12 30.76 -57.46
CA SER E 117 9.15 31.00 -58.53
C SER E 117 8.07 31.92 -58.00
N VAL E 118 8.28 33.23 -58.15
CA VAL E 118 7.38 34.24 -57.61
C VAL E 118 6.24 34.45 -58.59
N PHE E 119 5.01 34.48 -58.06
CA PHE E 119 3.82 34.66 -58.88
C PHE E 119 2.95 35.78 -58.31
N PRO E 120 2.23 36.50 -59.16
CA PRO E 120 1.43 37.63 -58.67
C PRO E 120 0.06 37.18 -58.19
N LEU E 121 -0.44 37.85 -57.15
CA LEU E 121 -1.73 37.50 -56.56
C LEU E 121 -2.59 38.76 -56.56
N ALA E 122 -3.42 38.92 -57.64
CA ALA E 122 -4.26 40.06 -58.00
C ALA E 122 -5.52 40.12 -57.14
N PRO E 123 -5.93 41.34 -56.76
CA PRO E 123 -7.20 41.50 -56.03
C PRO E 123 -8.38 41.68 -56.98
N SER E 124 -9.45 40.91 -56.77
CA SER E 124 -10.62 41.03 -57.63
C SER E 124 -11.86 41.44 -56.85
N SER E 125 -12.20 40.68 -55.81
CA SER E 125 -13.41 40.94 -55.03
C SER E 125 -13.11 41.36 -53.60
N LYS E 126 -11.86 41.23 -53.16
CA LYS E 126 -11.50 41.51 -51.78
C LYS E 126 -11.51 43.00 -51.46
N SER E 127 -11.23 43.85 -52.46
CA SER E 127 -11.18 45.28 -52.22
C SER E 127 -12.58 45.86 -52.08
N THR E 128 -13.55 45.32 -52.83
CA THR E 128 -14.89 45.87 -52.82
C THR E 128 -15.60 45.62 -51.49
N SER E 129 -15.45 44.42 -50.94
CA SER E 129 -16.20 44.00 -49.77
C SER E 129 -15.51 44.35 -48.45
N GLY E 130 -14.29 44.85 -48.49
CA GLY E 130 -13.57 45.15 -47.26
C GLY E 130 -13.10 46.59 -47.13
N GLY E 131 -13.01 47.30 -48.25
CA GLY E 131 -12.52 48.65 -48.25
C GLY E 131 -11.00 48.76 -48.24
N THR E 132 -10.29 47.65 -48.21
CA THR E 132 -8.83 47.63 -48.23
C THR E 132 -8.38 46.40 -48.98
N ALA E 133 -7.50 46.58 -49.96
CA ALA E 133 -7.03 45.49 -50.81
C ALA E 133 -5.72 44.96 -50.24
N ALA E 134 -5.70 43.67 -49.92
CA ALA E 134 -4.49 42.99 -49.48
C ALA E 134 -3.76 42.47 -50.71
N LEU E 135 -2.49 42.86 -50.86
CA LEU E 135 -1.73 42.55 -52.06
C LEU E 135 -0.50 41.75 -51.69
N GLY E 136 -0.11 40.84 -52.58
CA GLY E 136 1.03 40.01 -52.30
C GLY E 136 1.48 39.18 -53.48
N CYS E 137 2.55 38.42 -53.27
CA CYS E 137 3.13 37.55 -54.27
C CYS E 137 3.37 36.17 -53.68
N LEU E 138 3.32 35.15 -54.52
CA LEU E 138 3.49 33.76 -54.11
C LEU E 138 4.90 33.31 -54.46
N VAL E 139 5.73 33.10 -53.44
CA VAL E 139 7.10 32.64 -53.61
C VAL E 139 7.12 31.14 -53.35
N LYS E 140 7.10 30.35 -54.42
CA LYS E 140 6.89 28.91 -54.32
C LYS E 140 8.07 28.15 -54.92
N ASP E 141 8.30 26.95 -54.38
CA ASP E 141 9.31 26.01 -54.90
C ASP E 141 10.71 26.61 -54.88
N TYR E 142 11.21 26.91 -53.69
CA TYR E 142 12.57 27.38 -53.52
C TYR E 142 13.30 26.56 -52.45
N PHE E 143 14.61 26.47 -52.60
CA PHE E 143 15.47 25.76 -51.67
C PHE E 143 16.87 26.31 -51.79
N PRO E 144 17.58 26.49 -50.67
CA PRO E 144 17.13 26.33 -49.28
C PRO E 144 16.84 27.65 -48.58
N GLU E 145 16.59 27.59 -47.28
CA GLU E 145 16.39 28.78 -46.48
C GLU E 145 17.67 29.62 -46.45
N PRO E 146 17.58 30.95 -46.38
CA PRO E 146 16.38 31.79 -46.39
C PRO E 146 16.21 32.61 -47.67
N VAL E 147 15.10 33.31 -47.80
CA VAL E 147 14.86 34.22 -48.90
C VAL E 147 14.25 35.50 -48.34
N THR E 148 14.73 36.65 -48.84
CA THR E 148 14.31 37.96 -48.36
C THR E 148 13.40 38.61 -49.40
N VAL E 149 12.28 39.13 -48.95
CA VAL E 149 11.28 39.76 -49.82
C VAL E 149 10.99 41.15 -49.30
N SER E 150 10.96 42.13 -50.22
CA SER E 150 10.66 43.51 -49.87
C SER E 150 9.55 44.02 -50.80
N TRP E 151 8.81 45.02 -50.31
CA TRP E 151 7.70 45.61 -51.06
C TRP E 151 8.17 46.88 -51.75
N ASN E 152 8.13 46.87 -53.08
CA ASN E 152 8.50 48.02 -53.90
C ASN E 152 9.89 48.53 -53.51
N SER E 153 10.82 47.59 -53.30
CA SER E 153 12.18 47.90 -52.85
C SER E 153 12.16 48.68 -51.53
N GLY E 154 11.26 48.32 -50.63
CA GLY E 154 11.16 49.00 -49.36
C GLY E 154 10.48 50.34 -49.38
N ALA E 155 9.67 50.63 -50.40
CA ALA E 155 8.99 51.92 -50.48
C ALA E 155 8.02 52.14 -49.33
N LEU E 156 7.24 51.12 -48.95
CA LEU E 156 6.31 51.23 -47.84
C LEU E 156 6.33 49.95 -47.04
N THR E 157 6.12 50.06 -45.73
CA THR E 157 6.11 48.92 -44.83
C THR E 157 5.00 48.96 -43.80
N SER E 158 3.95 49.76 -44.03
CA SER E 158 2.90 49.92 -43.04
C SER E 158 2.11 48.63 -42.83
N GLY E 159 1.68 48.00 -43.91
CA GLY E 159 0.81 46.85 -43.79
C GLY E 159 1.35 45.57 -44.41
N VAL E 160 2.66 45.49 -44.58
CA VAL E 160 3.29 44.31 -45.17
C VAL E 160 3.36 43.20 -44.12
N HIS E 161 2.90 42.02 -44.49
CA HIS E 161 2.96 40.84 -43.62
C HIS E 161 3.78 39.77 -44.34
N THR E 162 4.90 39.38 -43.73
CA THR E 162 5.76 38.35 -44.30
C THR E 162 5.62 37.07 -43.51
N PHE E 163 5.24 36.00 -44.20
CA PHE E 163 4.96 34.71 -43.56
C PHE E 163 6.24 33.90 -43.40
N PRO E 164 6.25 32.93 -42.50
CA PRO E 164 7.39 32.01 -42.41
C PRO E 164 7.32 30.95 -43.50
N ALA E 165 8.50 30.46 -43.88
CA ALA E 165 8.57 29.43 -44.91
C ALA E 165 8.16 28.07 -44.33
N VAL E 166 7.63 27.22 -45.22
CA VAL E 166 7.17 25.89 -44.86
C VAL E 166 7.69 24.91 -45.91
N LEU E 167 7.84 23.65 -45.52
CA LEU E 167 8.40 22.62 -46.40
C LEU E 167 7.28 21.88 -47.11
N GLN E 168 7.42 21.71 -48.42
CA GLN E 168 6.46 20.94 -49.19
C GLN E 168 6.75 19.44 -49.06
N SER E 169 5.95 18.64 -49.76
CA SER E 169 6.20 17.20 -49.83
C SER E 169 7.25 16.83 -50.87
N SER E 170 7.62 17.77 -51.74
CA SER E 170 8.66 17.55 -52.73
C SER E 170 10.03 17.99 -52.23
N GLY E 171 10.14 18.42 -50.98
CA GLY E 171 11.40 18.85 -50.41
C GLY E 171 11.74 20.30 -50.60
N LEU E 172 10.87 21.07 -51.25
CA LEU E 172 11.12 22.49 -51.48
C LEU E 172 10.25 23.33 -50.55
N TYR E 173 10.63 24.60 -50.42
CA TYR E 173 9.91 25.53 -49.55
C TYR E 173 8.90 26.34 -50.33
N SER E 174 7.81 26.71 -49.64
CA SER E 174 6.79 27.60 -50.18
C SER E 174 6.64 28.78 -49.24
N LEU E 175 6.53 29.98 -49.80
CA LEU E 175 6.49 31.19 -49.00
C LEU E 175 5.55 32.20 -49.66
N SER E 176 4.78 32.90 -48.83
CA SER E 176 3.94 34.00 -49.29
C SER E 176 4.24 35.23 -48.45
N SER E 177 3.90 36.41 -48.99
CA SER E 177 4.00 37.66 -48.27
C SER E 177 2.92 38.60 -48.80
N VAL E 178 2.25 39.31 -47.91
CA VAL E 178 1.11 40.13 -48.30
C VAL E 178 1.25 41.52 -47.69
N VAL E 179 0.55 42.47 -48.30
CA VAL E 179 0.47 43.85 -47.83
C VAL E 179 -0.92 44.37 -48.14
N THR E 180 -1.46 45.21 -47.24
CA THR E 180 -2.81 45.72 -47.36
C THR E 180 -2.78 47.20 -47.72
N VAL E 181 -3.54 47.57 -48.74
CA VAL E 181 -3.61 48.96 -49.21
C VAL E 181 -5.05 49.30 -49.58
N PRO E 182 -5.45 50.57 -49.51
CA PRO E 182 -6.80 50.94 -49.95
C PRO E 182 -6.95 50.85 -51.46
N SER E 183 -8.20 50.75 -51.90
CA SER E 183 -8.49 50.65 -53.32
C SER E 183 -8.09 51.91 -54.08
N SER E 184 -8.20 53.07 -53.43
CA SER E 184 -7.83 54.32 -54.10
C SER E 184 -6.36 54.32 -54.49
N SER E 185 -5.48 53.88 -53.60
CA SER E 185 -4.08 53.69 -53.94
C SER E 185 -3.85 52.49 -54.83
N LEU E 186 -4.72 51.48 -54.76
CA LEU E 186 -4.58 50.31 -55.63
C LEU E 186 -4.75 50.69 -57.09
N GLY E 187 -5.73 51.55 -57.39
CA GLY E 187 -6.04 51.89 -58.76
C GLY E 187 -4.95 52.64 -59.50
N THR E 188 -4.25 53.54 -58.81
CA THR E 188 -3.33 54.44 -59.49
C THR E 188 -1.88 53.94 -59.50
N GLN E 189 -1.28 53.75 -58.34
CA GLN E 189 0.15 53.51 -58.23
C GLN E 189 0.49 52.07 -58.58
N THR E 190 1.74 51.87 -59.00
CA THR E 190 2.23 50.56 -59.42
C THR E 190 2.79 49.82 -58.21
N TYR E 191 2.59 48.51 -58.17
CA TYR E 191 3.04 47.68 -57.07
C TYR E 191 3.99 46.61 -57.56
N ILE E 192 5.15 46.51 -56.93
CA ILE E 192 6.18 45.54 -57.29
C ILE E 192 6.60 44.80 -56.03
N CYS E 193 6.68 43.47 -56.11
CA CYS E 193 7.22 42.65 -55.03
C CYS E 193 8.66 42.28 -55.39
N ASN E 194 9.58 42.62 -54.49
CA ASN E 194 11.01 42.38 -54.70
C ASN E 194 11.44 41.29 -53.72
N VAL E 195 11.96 40.19 -54.26
CA VAL E 195 12.36 39.04 -53.47
C VAL E 195 13.81 38.71 -53.84
N ASN E 196 14.58 38.28 -52.85
CA ASN E 196 16.00 37.98 -53.02
C ASN E 196 16.32 36.63 -52.41
N HIS E 197 16.81 35.70 -53.23
CA HIS E 197 17.13 34.34 -52.82
C HIS E 197 18.65 34.18 -52.93
N LYS E 198 19.36 34.53 -51.85
CA LYS E 198 20.81 34.55 -51.90
C LYS E 198 21.47 33.16 -51.98
N PRO E 199 20.90 32.07 -51.44
CA PRO E 199 21.55 30.76 -51.66
C PRO E 199 21.74 30.40 -53.12
N SER E 200 20.79 30.72 -53.99
CA SER E 200 20.95 30.53 -55.42
C SER E 200 21.51 31.76 -56.13
N ASN E 201 21.69 32.86 -55.40
CA ASN E 201 22.19 34.11 -55.96
C ASN E 201 21.29 34.59 -57.11
N THR E 202 19.98 34.44 -56.93
CA THR E 202 18.99 34.85 -57.93
C THR E 202 17.96 35.76 -57.28
N LYS E 203 17.44 36.69 -58.07
CA LYS E 203 16.46 37.65 -57.60
C LYS E 203 15.51 37.99 -58.72
N VAL E 204 14.22 38.04 -58.40
CA VAL E 204 13.16 38.32 -59.36
C VAL E 204 12.23 39.36 -58.77
N ASP E 205 11.81 40.33 -59.59
CA ASP E 205 10.82 41.33 -59.21
C ASP E 205 9.60 41.17 -60.11
N LYS E 206 8.42 41.12 -59.50
CA LYS E 206 7.20 40.81 -60.23
C LYS E 206 6.18 41.92 -60.07
N LYS E 207 5.65 42.40 -61.19
CA LYS E 207 4.59 43.39 -61.16
C LYS E 207 3.26 42.74 -60.84
N VAL E 208 2.45 43.43 -60.04
CA VAL E 208 1.12 42.97 -59.65
C VAL E 208 0.12 44.10 -59.92
N GLU E 209 -1.04 43.74 -60.45
CA GLU E 209 -2.06 44.71 -60.80
C GLU E 209 -3.45 44.13 -60.56
N PRO E 210 -4.48 44.97 -60.36
CA PRO E 210 -5.88 44.57 -60.26
C PRO E 210 -6.31 43.61 -61.38
#